data_7S7X
#
_entry.id   7S7X
#
_cell.length_a   64.471
_cell.length_b   99.910
_cell.length_c   135.919
_cell.angle_alpha   90.000
_cell.angle_beta   90.000
_cell.angle_gamma   90.000
#
_symmetry.space_group_name_H-M   'P 21 21 21'
#
loop_
_entity.id
_entity.type
_entity.pdbx_description
1 polymer 'iNicSnFR 4.0 Fluorescent Nicotine Sensor precursor binding protein'
2 non-polymer VARENICLINE
3 non-polymer '2-[N-CYCLOHEXYLAMINO]ETHANE SULFONIC ACID'
4 non-polymer DI(HYDROXYETHYL)ETHER
5 water water
#
_entity_poly.entity_id   1
_entity_poly.type   'polypeptide(L)'
_entity_poly.pdbx_seq_one_letter_code
;MHHHHHHGAQPARSANDTVVVGSIIFTEGIIVANMVAEMIEAHTDLKVVRKLNLGGYNVNFEAIKRGGANNGIDIYVEYT
GHGLVDILGFPATTDPEGAYETVKKEYKRKWNIVWLKPLGFNNTYTLTVKDELAKQYNLKTFSDLAKISDKLILGATMWF
LEGPDGYPGLQKLYNFKFKHTKSMDMGIRYTAIDNNEVQVIDAWATDGLLVSHKLKILEDDKAFFPPYYAAPIIRQDVLD
KHPELKDVLNKLANQISLEEMQKLNYKVDGEGQDPAKVAKEFLKEKGLILQVD
;
_entity_poly.pdbx_strand_id   A,B,C
#
loop_
_chem_comp.id
_chem_comp.type
_chem_comp.name
_chem_comp.formula
NHE non-polymer '2-[N-CYCLOHEXYLAMINO]ETHANE SULFONIC ACID' 'C8 H17 N O3 S'
PEG non-polymer DI(HYDROXYETHYL)ETHER 'C4 H10 O3'
QMR non-polymer VARENICLINE 'C13 H13 N3'
#
# COMPACT_ATOMS: atom_id res chain seq x y z
N ALA A 15 9.63 -30.68 16.10
CA ALA A 15 10.35 -29.41 16.06
C ALA A 15 11.54 -29.49 15.10
N ASN A 16 12.02 -30.71 14.84
CA ASN A 16 13.12 -30.97 13.91
C ASN A 16 12.65 -32.01 12.89
N ASP A 17 11.65 -31.63 12.10
CA ASP A 17 11.08 -32.57 11.14
C ASP A 17 11.92 -32.61 9.87
N THR A 18 12.09 -33.81 9.33
CA THR A 18 12.87 -34.03 8.12
C THR A 18 12.06 -34.87 7.14
N VAL A 19 12.38 -34.73 5.85
CA VAL A 19 11.86 -35.61 4.81
C VAL A 19 13.03 -36.09 3.98
N VAL A 20 12.84 -37.22 3.32
CA VAL A 20 13.87 -37.86 2.50
C VAL A 20 13.47 -37.71 1.04
N VAL A 21 14.36 -37.12 0.23
CA VAL A 21 14.15 -37.00 -1.20
C VAL A 21 15.12 -37.97 -1.87
N GLY A 22 14.59 -38.85 -2.70
CA GLY A 22 15.40 -39.87 -3.35
C GLY A 22 15.61 -39.64 -4.83
N SER A 23 16.61 -40.31 -5.39
CA SER A 23 16.89 -40.31 -6.82
C SER A 23 17.64 -41.59 -7.14
N ILE A 24 17.45 -42.09 -8.36
CA ILE A 24 18.39 -43.08 -8.88
C ILE A 24 19.56 -42.31 -9.49
N ILE A 25 20.62 -43.02 -9.87
CA ILE A 25 21.93 -42.41 -10.03
C ILE A 25 22.16 -42.09 -11.50
N PHE A 26 21.71 -40.90 -11.91
CA PHE A 26 22.01 -40.36 -13.23
C PHE A 26 21.89 -38.85 -13.14
N THR A 27 22.48 -38.17 -14.12
CA THR A 27 22.68 -36.73 -14.01
C THR A 27 21.36 -35.99 -13.79
N GLU A 28 20.39 -36.21 -14.68
CA GLU A 28 19.13 -35.49 -14.56
C GLU A 28 18.44 -35.81 -13.24
N GLY A 29 18.42 -37.10 -12.88
CA GLY A 29 17.77 -37.50 -11.65
C GLY A 29 18.31 -36.76 -10.46
N ILE A 30 19.63 -36.61 -10.40
CA ILE A 30 20.23 -35.98 -9.23
C ILE A 30 19.98 -34.48 -9.26
N ILE A 31 20.11 -33.85 -10.44
CA ILE A 31 19.79 -32.43 -10.56
C ILE A 31 18.37 -32.14 -10.08
N VAL A 32 17.39 -32.90 -10.58
CA VAL A 32 16.01 -32.55 -10.25
C VAL A 32 15.69 -32.91 -8.80
N ALA A 33 16.27 -34.00 -8.27
CA ALA A 33 16.11 -34.26 -6.84
C ALA A 33 16.70 -33.13 -6.02
N ASN A 34 17.83 -32.59 -6.45
CA ASN A 34 18.43 -31.47 -5.74
C ASN A 34 17.51 -30.25 -5.78
N MET A 35 16.87 -30.00 -6.92
CA MET A 35 15.92 -28.89 -7.02
C MET A 35 14.78 -29.04 -6.01
N VAL A 36 14.21 -30.25 -5.93
CA VAL A 36 13.16 -30.52 -4.94
C VAL A 36 13.66 -30.23 -3.52
N ALA A 37 14.86 -30.75 -3.21
CA ALA A 37 15.40 -30.52 -1.86
C ALA A 37 15.62 -29.03 -1.58
N GLU A 38 16.16 -28.29 -2.55
CA GLU A 38 16.41 -26.86 -2.38
C GLU A 38 15.10 -26.08 -2.18
N MET A 39 14.06 -26.44 -2.96
CA MET A 39 12.77 -25.77 -2.79
C MET A 39 12.19 -26.00 -1.41
N ILE A 40 12.22 -27.25 -0.94
CA ILE A 40 11.71 -27.57 0.39
C ILE A 40 12.45 -26.76 1.45
N GLU A 41 13.79 -26.74 1.37
CA GLU A 41 14.54 -26.04 2.40
C GLU A 41 14.39 -24.52 2.28
N ALA A 42 14.14 -24.00 1.07
CA ALA A 42 13.98 -22.57 0.92
C ALA A 42 12.63 -22.07 1.41
N HIS A 43 11.59 -22.90 1.29
CA HIS A 43 10.22 -22.40 1.48
C HIS A 43 9.49 -23.04 2.65
N THR A 44 10.13 -23.95 3.39
CA THR A 44 9.54 -24.55 4.57
C THR A 44 10.60 -24.57 5.67
N ASP A 45 10.21 -25.03 6.85
CA ASP A 45 11.13 -25.24 7.95
C ASP A 45 11.68 -26.66 8.00
N LEU A 46 11.37 -27.46 6.99
CA LEU A 46 11.83 -28.83 6.95
C LEU A 46 13.27 -28.90 6.46
N LYS A 47 14.01 -29.87 6.97
CA LYS A 47 15.34 -30.19 6.47
C LYS A 47 15.25 -31.48 5.68
N VAL A 48 16.15 -31.65 4.71
CA VAL A 48 16.01 -32.70 3.70
C VAL A 48 17.21 -33.62 3.74
N VAL A 49 16.95 -34.92 3.83
CA VAL A 49 17.95 -35.95 3.59
C VAL A 49 17.92 -36.27 2.10
N ARG A 50 19.08 -36.15 1.45
CA ARG A 50 19.18 -36.50 0.03
C ARG A 50 19.74 -37.91 -0.05
N LYS A 51 19.01 -38.78 -0.72
CA LYS A 51 19.36 -40.19 -0.76
C LYS A 51 19.49 -40.65 -2.20
N LEU A 52 20.51 -41.44 -2.47
CA LEU A 52 20.72 -42.05 -3.78
C LEU A 52 20.44 -43.55 -3.66
N ASN A 53 19.61 -44.07 -4.57
CA ASN A 53 19.25 -45.47 -4.61
C ASN A 53 19.93 -46.14 -5.81
N LEU A 54 20.52 -47.31 -5.57
CA LEU A 54 21.15 -48.07 -6.63
C LEU A 54 20.09 -48.80 -7.45
N GLY A 55 20.30 -48.89 -8.75
CA GLY A 55 19.40 -49.62 -9.62
C GLY A 55 18.56 -48.69 -10.50
N GLY A 56 17.59 -49.30 -11.18
CA GLY A 56 16.71 -48.57 -12.10
C GLY A 56 15.23 -48.81 -11.87
N TYR A 57 14.66 -49.79 -12.58
CA TYR A 57 13.21 -49.96 -12.61
C TYR A 57 12.65 -50.29 -11.23
N ASN A 58 11.62 -49.53 -10.83
CA ASN A 58 10.83 -49.72 -9.62
C ASN A 58 11.58 -49.48 -8.31
N VAL A 59 12.85 -49.05 -8.37
CA VAL A 59 13.64 -48.88 -7.15
C VAL A 59 13.09 -47.72 -6.30
N ASN A 60 12.89 -46.56 -6.92
CA ASN A 60 12.33 -45.43 -6.17
C ASN A 60 10.90 -45.71 -5.75
N PHE A 61 10.14 -46.40 -6.61
CA PHE A 61 8.75 -46.75 -6.29
C PHE A 61 8.68 -47.58 -5.01
N GLU A 62 9.49 -48.64 -4.94
CA GLU A 62 9.54 -49.45 -3.72
C GLU A 62 10.03 -48.62 -2.54
N ALA A 63 11.01 -47.75 -2.76
CA ALA A 63 11.53 -46.95 -1.65
C ALA A 63 10.46 -46.01 -1.09
N ILE A 64 9.65 -45.42 -1.96
CA ILE A 64 8.63 -44.48 -1.48
C ILE A 64 7.50 -45.25 -0.82
N LYS A 65 7.25 -46.49 -1.25
CA LYS A 65 6.29 -47.33 -0.54
C LYS A 65 6.76 -47.59 0.89
N ARG A 66 8.08 -47.73 1.11
CA ARG A 66 8.56 -47.86 2.49
C ARG A 66 8.46 -46.55 3.26
N GLY A 67 8.90 -45.44 2.67
CA GLY A 67 8.85 -44.16 3.33
C GLY A 67 10.12 -43.83 4.10
N GLY A 68 10.32 -42.53 4.34
CA GLY A 68 11.53 -42.05 4.99
C GLY A 68 11.70 -42.53 6.41
N ALA A 69 10.62 -42.92 7.08
CA ALA A 69 10.71 -43.45 8.43
C ALA A 69 11.14 -44.90 8.47
N ASN A 70 11.20 -45.58 7.34
CA ASN A 70 11.51 -47.01 7.27
C ASN A 70 12.58 -47.27 6.22
N ASN A 71 13.67 -46.51 6.27
CA ASN A 71 14.83 -46.71 5.38
C ASN A 71 14.45 -46.53 3.92
N GLY A 72 13.41 -45.75 3.66
CA GLY A 72 12.99 -45.46 2.30
C GLY A 72 13.06 -43.98 2.00
N ILE A 73 12.18 -43.50 1.11
CA ILE A 73 12.13 -42.09 0.75
C ILE A 73 10.68 -41.62 0.86
N ASP A 74 10.51 -40.30 0.93
CA ASP A 74 9.20 -39.68 1.01
C ASP A 74 8.76 -39.01 -0.28
N ILE A 75 9.71 -38.62 -1.13
CA ILE A 75 9.49 -37.81 -2.32
C ILE A 75 10.50 -38.23 -3.37
N TYR A 76 10.08 -38.29 -4.63
CA TYR A 76 11.06 -38.32 -5.71
C TYR A 76 10.36 -37.90 -7.00
N VAL A 77 11.15 -37.67 -8.04
CA VAL A 77 10.60 -37.28 -9.34
C VAL A 77 10.49 -38.52 -10.20
N GLU A 78 9.26 -38.88 -10.55
CA GLU A 78 8.98 -40.03 -11.41
C GLU A 78 8.59 -39.56 -12.80
N TYR A 79 8.60 -40.48 -13.75
CA TYR A 79 8.20 -40.21 -15.13
C TYR A 79 6.92 -40.98 -15.42
N THR A 80 5.95 -40.32 -16.04
CA THR A 80 4.63 -40.93 -16.22
C THR A 80 4.71 -42.29 -16.89
N GLY A 81 5.46 -42.39 -18.00
CA GLY A 81 5.51 -43.66 -18.73
C GLY A 81 6.13 -44.80 -17.94
N HIS A 82 7.15 -44.51 -17.11
CA HIS A 82 7.73 -45.57 -16.29
C HIS A 82 6.73 -46.08 -15.26
N GLY A 83 5.87 -45.20 -14.73
CA GLY A 83 4.83 -45.69 -13.83
C GLY A 83 3.74 -46.44 -14.56
N LEU A 84 3.41 -45.96 -15.77
CA LEU A 84 2.30 -46.53 -16.53
C LEU A 84 2.59 -47.97 -16.93
N VAL A 85 3.82 -48.25 -17.40
CA VAL A 85 4.11 -49.63 -17.79
C VAL A 85 3.99 -50.56 -16.60
N ASP A 86 4.33 -50.09 -15.40
CA ASP A 86 4.22 -50.98 -14.24
C ASP A 86 2.76 -51.23 -13.87
N ILE A 87 1.91 -50.21 -14.03
CA ILE A 87 0.49 -50.41 -13.75
C ILE A 87 -0.10 -51.42 -14.73
N LEU A 88 0.21 -51.27 -16.02
CA LEU A 88 -0.42 -52.09 -17.04
C LEU A 88 0.12 -53.52 -17.08
N GLY A 89 1.39 -53.71 -16.75
CA GLY A 89 2.02 -55.00 -16.91
C GLY A 89 2.49 -55.32 -18.31
N PHE A 90 2.37 -54.38 -19.24
CA PHE A 90 2.81 -54.57 -20.61
C PHE A 90 2.96 -53.19 -21.22
N PRO A 91 3.94 -52.96 -22.09
CA PRO A 91 4.09 -51.64 -22.70
C PRO A 91 2.88 -51.23 -23.53
N ALA A 92 2.51 -49.97 -23.38
CA ALA A 92 1.41 -49.40 -24.13
C ALA A 92 1.77 -47.96 -24.41
N THR A 93 1.13 -47.38 -25.41
CA THR A 93 1.32 -45.98 -25.72
C THR A 93 0.03 -45.23 -25.49
N THR A 94 0.19 -43.91 -25.32
CA THR A 94 -0.93 -43.03 -25.01
C THR A 94 -0.39 -41.61 -25.13
N ASP A 95 -1.26 -40.64 -24.94
CA ASP A 95 -0.86 -39.24 -25.01
C ASP A 95 -0.46 -38.76 -23.63
N PRO A 96 0.21 -37.61 -23.52
CA PRO A 96 0.67 -37.17 -22.19
C PRO A 96 -0.40 -37.14 -21.12
N GLU A 97 -1.61 -36.65 -21.43
CA GLU A 97 -2.64 -36.58 -20.40
C GLU A 97 -3.11 -37.96 -20.00
N GLY A 98 -3.26 -38.87 -20.96
CA GLY A 98 -3.67 -40.23 -20.62
C GLY A 98 -2.69 -40.90 -19.67
N ALA A 99 -1.39 -40.74 -19.95
CA ALA A 99 -0.38 -41.30 -19.06
C ALA A 99 -0.45 -40.66 -17.67
N TYR A 100 -0.48 -39.33 -17.62
CA TYR A 100 -0.40 -38.63 -16.34
C TYR A 100 -1.63 -38.93 -15.48
N GLU A 101 -2.83 -38.79 -16.06
CA GLU A 101 -4.04 -38.99 -15.26
C GLU A 101 -4.15 -40.43 -14.81
N THR A 102 -3.73 -41.39 -15.65
CA THR A 102 -3.80 -42.78 -15.24
C THR A 102 -2.88 -43.07 -14.05
N VAL A 103 -1.62 -42.60 -14.11
CA VAL A 103 -0.75 -42.89 -12.98
C VAL A 103 -1.19 -42.12 -11.74
N LYS A 104 -1.66 -40.88 -11.89
CA LYS A 104 -2.09 -40.12 -10.73
C LYS A 104 -3.21 -40.83 -9.99
N LYS A 105 -4.26 -41.23 -10.72
CA LYS A 105 -5.40 -41.85 -10.06
C LYS A 105 -5.03 -43.22 -9.48
N GLU A 106 -4.25 -44.01 -10.23
CA GLU A 106 -3.90 -45.32 -9.73
C GLU A 106 -2.99 -45.24 -8.51
N TYR A 107 -1.93 -44.41 -8.56
CA TYR A 107 -1.03 -44.33 -7.43
C TYR A 107 -1.74 -43.81 -6.19
N LYS A 108 -2.68 -42.88 -6.35
CA LYS A 108 -3.42 -42.40 -5.19
C LYS A 108 -4.30 -43.50 -4.61
N ARG A 109 -5.02 -44.23 -5.46
CA ARG A 109 -5.97 -45.21 -4.95
C ARG A 109 -5.27 -46.43 -4.36
N LYS A 110 -4.23 -46.92 -5.04
CA LYS A 110 -3.60 -48.15 -4.61
C LYS A 110 -2.56 -47.94 -3.52
N TRP A 111 -1.82 -46.83 -3.57
CA TRP A 111 -0.62 -46.68 -2.74
C TRP A 111 -0.65 -45.45 -1.85
N ASN A 112 -1.66 -44.59 -1.99
CA ASN A 112 -1.70 -43.31 -1.28
C ASN A 112 -0.44 -42.50 -1.60
N ILE A 113 -0.04 -42.52 -2.87
CA ILE A 113 1.04 -41.71 -3.38
C ILE A 113 0.41 -40.65 -4.28
N VAL A 114 0.86 -39.40 -4.14
CA VAL A 114 0.28 -38.25 -4.80
C VAL A 114 1.24 -37.75 -5.87
N TRP A 115 0.77 -37.75 -7.13
CA TRP A 115 1.52 -37.14 -8.22
C TRP A 115 1.25 -35.64 -8.22
N LEU A 116 2.30 -34.84 -8.11
CA LEU A 116 2.17 -33.41 -8.22
C LEU A 116 2.27 -33.00 -9.70
N LYS A 117 2.39 -31.71 -9.97
CA LYS A 117 2.29 -31.24 -11.35
C LYS A 117 3.59 -31.51 -12.12
N PRO A 118 3.50 -31.77 -13.43
CA PRO A 118 4.70 -32.05 -14.23
C PRO A 118 5.67 -30.89 -14.26
N LEU A 119 6.97 -31.22 -14.31
CA LEU A 119 8.02 -30.19 -14.36
C LEU A 119 8.04 -29.46 -15.69
N GLY A 120 7.68 -30.15 -16.77
CA GLY A 120 7.57 -29.50 -18.06
C GLY A 120 8.25 -30.19 -19.22
N PHE A 121 9.02 -31.25 -18.96
CA PHE A 121 9.76 -31.90 -20.03
C PHE A 121 9.46 -33.40 -20.07
N ASN A 122 9.68 -33.97 -21.25
CA ASN A 122 9.43 -35.37 -21.59
C ASN A 122 10.77 -36.01 -21.89
N ASN A 123 11.30 -36.80 -20.95
CA ASN A 123 12.61 -37.40 -21.17
C ASN A 123 12.44 -38.85 -21.62
N THR A 124 12.13 -39.00 -22.90
CA THR A 124 11.84 -40.33 -23.43
C THR A 124 13.10 -41.06 -23.87
N TYR A 125 13.00 -42.38 -23.86
CA TYR A 125 13.93 -43.22 -24.61
C TYR A 125 13.83 -42.88 -26.09
N THR A 126 14.96 -42.98 -26.78
CA THR A 126 15.00 -42.85 -28.23
C THR A 126 15.94 -43.90 -28.78
N LEU A 127 15.93 -44.06 -30.10
CA LEU A 127 17.03 -44.65 -30.82
C LEU A 127 17.64 -43.56 -31.69
N THR A 128 18.97 -43.44 -31.63
CA THR A 128 19.68 -42.30 -32.20
C THR A 128 20.90 -42.81 -32.96
N VAL A 129 21.15 -42.22 -34.14
CA VAL A 129 22.32 -42.57 -34.95
C VAL A 129 23.12 -41.29 -35.22
N LYS A 130 24.37 -41.45 -35.69
CA LYS A 130 25.09 -40.28 -36.18
C LYS A 130 24.37 -39.68 -37.39
N ASP A 131 24.36 -38.34 -37.48
CA ASP A 131 23.75 -37.69 -38.64
CA ASP A 131 23.77 -37.68 -38.64
C ASP A 131 24.30 -38.24 -39.95
N GLU A 132 25.61 -38.46 -40.02
CA GLU A 132 26.20 -38.95 -41.27
C GLU A 132 25.70 -40.35 -41.61
N LEU A 133 25.51 -41.20 -40.61
CA LEU A 133 24.94 -42.53 -40.87
C LEU A 133 23.50 -42.42 -41.36
N ALA A 134 22.72 -41.54 -40.75
CA ALA A 134 21.35 -41.34 -41.19
C ALA A 134 21.30 -40.88 -42.64
N LYS A 135 22.19 -39.96 -43.01
CA LYS A 135 22.25 -39.50 -44.41
C LYS A 135 22.72 -40.62 -45.32
N GLN A 136 23.69 -41.41 -44.88
CA GLN A 136 24.24 -42.48 -45.72
C GLN A 136 23.20 -43.54 -46.01
N TYR A 137 22.32 -43.85 -45.04
CA TYR A 137 21.36 -44.93 -45.21
C TYR A 137 19.92 -44.46 -45.33
N ASN A 138 19.69 -43.15 -45.42
CA ASN A 138 18.34 -42.59 -45.58
C ASN A 138 17.43 -43.00 -44.42
N LEU A 139 17.92 -42.79 -43.20
CA LEU A 139 17.21 -43.19 -41.99
C LEU A 139 16.42 -42.03 -41.43
N LYS A 140 15.11 -42.25 -41.22
CA LYS A 140 14.28 -41.27 -40.54
C LYS A 140 13.50 -41.89 -39.38
N THR A 141 13.19 -43.18 -39.47
CA THR A 141 12.29 -43.83 -38.52
C THR A 141 12.91 -45.09 -37.94
N PHE A 142 12.32 -45.57 -36.84
CA PHE A 142 12.71 -46.86 -36.29
C PHE A 142 12.54 -47.98 -37.33
N SER A 143 11.48 -47.92 -38.14
CA SER A 143 11.28 -48.98 -39.14
C SER A 143 12.41 -48.99 -40.18
N ASP A 144 12.82 -47.80 -40.63
CA ASP A 144 13.98 -47.68 -41.52
C ASP A 144 15.21 -48.34 -40.91
N LEU A 145 15.44 -48.06 -39.62
CA LEU A 145 16.59 -48.61 -38.92
C LEU A 145 16.50 -50.12 -38.80
N ALA A 146 15.31 -50.64 -38.51
CA ALA A 146 15.17 -52.08 -38.32
C ALA A 146 15.46 -52.83 -39.60
N LYS A 147 15.12 -52.23 -40.76
CA LYS A 147 15.41 -52.93 -42.02
C LYS A 147 16.90 -53.21 -42.21
N ILE A 148 17.79 -52.41 -41.61
CA ILE A 148 19.23 -52.61 -41.78
C ILE A 148 19.94 -52.90 -40.45
N SER A 149 19.18 -53.13 -39.38
CA SER A 149 19.80 -53.33 -38.07
C SER A 149 20.79 -54.50 -38.03
N ASP A 150 20.61 -55.50 -38.90
CA ASP A 150 21.49 -56.67 -38.87
C ASP A 150 22.93 -56.30 -39.21
N LYS A 151 23.14 -55.13 -39.80
CA LYS A 151 24.47 -54.65 -40.12
C LYS A 151 25.08 -53.79 -39.03
N LEU A 152 24.32 -53.45 -37.99
CA LEU A 152 24.70 -52.39 -37.07
C LEU A 152 24.86 -52.92 -35.65
N ILE A 153 25.59 -52.17 -34.84
CA ILE A 153 25.80 -52.47 -33.43
C ILE A 153 25.04 -51.44 -32.60
N LEU A 154 24.28 -51.92 -31.63
CA LEU A 154 23.56 -51.10 -30.68
C LEU A 154 24.34 -51.04 -29.38
N GLY A 155 24.63 -49.83 -28.91
CA GLY A 155 25.18 -49.65 -27.58
C GLY A 155 24.12 -48.98 -26.70
N ALA A 156 23.75 -49.57 -25.57
CA ALA A 156 22.63 -49.01 -24.83
C ALA A 156 22.82 -49.17 -23.33
N THR A 157 22.11 -48.34 -22.57
CA THR A 157 22.22 -48.41 -21.13
C THR A 157 21.57 -49.69 -20.60
N MET A 158 22.04 -50.11 -19.42
CA MET A 158 21.44 -51.25 -18.74
C MET A 158 19.96 -51.02 -18.45
N TRP A 159 19.60 -49.79 -18.06
CA TRP A 159 18.19 -49.53 -17.77
C TRP A 159 17.33 -49.79 -19.00
N PHE A 160 17.78 -49.34 -20.16
CA PHE A 160 17.01 -49.53 -21.38
C PHE A 160 16.93 -51.00 -21.78
N LEU A 161 18.05 -51.71 -21.64
CA LEU A 161 18.07 -53.11 -22.06
C LEU A 161 17.25 -53.99 -21.14
N GLU A 162 17.11 -53.59 -19.87
CA GLU A 162 16.46 -54.42 -18.86
C GLU A 162 15.04 -53.99 -18.53
N GLY A 163 14.63 -52.76 -18.86
CA GLY A 163 13.33 -52.28 -18.48
C GLY A 163 12.21 -52.89 -19.29
N PRO A 164 11.08 -53.18 -18.65
CA PRO A 164 9.93 -53.73 -19.40
C PRO A 164 9.41 -52.79 -20.47
N ASP A 165 9.59 -51.49 -20.30
CA ASP A 165 9.18 -50.52 -21.31
C ASP A 165 10.34 -50.12 -22.22
N GLY A 166 11.49 -50.78 -22.09
CA GLY A 166 12.64 -50.44 -22.91
C GLY A 166 12.82 -51.35 -24.10
N TYR A 167 14.04 -51.83 -24.29
CA TYR A 167 14.36 -52.60 -25.49
C TYR A 167 13.59 -53.91 -25.63
N PRO A 168 13.29 -54.67 -24.58
CA PRO A 168 12.58 -55.95 -24.79
C PRO A 168 11.34 -55.85 -25.67
N GLY A 169 10.42 -54.92 -25.37
CA GLY A 169 9.21 -54.81 -26.18
C GLY A 169 9.42 -54.09 -27.49
N LEU A 170 10.37 -53.15 -27.53
CA LEU A 170 10.66 -52.44 -28.77
C LEU A 170 11.22 -53.39 -29.81
N GLN A 171 12.14 -54.23 -29.37
CA GLN A 171 12.76 -55.22 -30.25
CA GLN A 171 12.75 -55.20 -30.27
C GLN A 171 11.71 -56.14 -30.84
N LYS A 172 10.79 -56.64 -30.00
CA LYS A 172 9.75 -57.54 -30.49
C LYS A 172 8.80 -56.84 -31.46
N LEU A 173 8.40 -55.61 -31.16
CA LEU A 173 7.45 -54.91 -32.02
C LEU A 173 8.03 -54.64 -33.40
N TYR A 174 9.25 -54.10 -33.45
CA TYR A 174 9.85 -53.75 -34.73
C TYR A 174 10.69 -54.86 -35.34
N ASN A 175 10.88 -55.97 -34.60
CA ASN A 175 11.76 -57.05 -35.04
C ASN A 175 13.18 -56.54 -35.30
N PHE A 176 13.71 -55.78 -34.34
CA PHE A 176 15.11 -55.36 -34.41
C PHE A 176 16.03 -56.57 -34.28
N LYS A 177 17.05 -56.62 -35.15
CA LYS A 177 18.01 -57.73 -35.17
C LYS A 177 19.43 -57.18 -35.32
N PHE A 178 19.97 -56.58 -34.26
CA PHE A 178 21.29 -55.98 -34.39
C PHE A 178 22.39 -57.04 -34.44
N LYS A 179 23.44 -56.73 -35.21
CA LYS A 179 24.60 -57.60 -35.31
C LYS A 179 25.17 -57.90 -33.92
N HIS A 180 25.23 -56.88 -33.08
CA HIS A 180 25.69 -57.04 -31.71
CA HIS A 180 25.71 -57.03 -31.70
C HIS A 180 25.01 -55.98 -30.87
N THR A 181 24.75 -56.31 -29.60
CA THR A 181 24.11 -55.41 -28.65
C THR A 181 24.96 -55.37 -27.39
N LYS A 182 25.41 -54.17 -27.01
CA LYS A 182 26.36 -53.98 -25.92
C LYS A 182 25.73 -53.09 -24.85
N SER A 183 25.81 -53.52 -23.61
CA SER A 183 25.41 -52.68 -22.48
C SER A 183 26.53 -51.70 -22.16
N MET A 184 26.21 -50.42 -22.01
CA MET A 184 27.25 -49.40 -21.81
C MET A 184 26.83 -48.41 -20.73
N ASP A 185 27.83 -47.87 -20.03
CA ASP A 185 27.58 -46.75 -19.12
C ASP A 185 27.05 -45.54 -19.89
N MET A 186 26.43 -44.63 -19.14
CA MET A 186 25.67 -43.55 -19.76
CA MET A 186 25.67 -43.55 -19.76
C MET A 186 26.55 -42.61 -20.58
N GLY A 187 27.64 -42.13 -20.00
CA GLY A 187 28.49 -41.21 -20.74
C GLY A 187 29.23 -41.89 -21.88
N ILE A 188 29.73 -43.10 -21.63
CA ILE A 188 30.62 -43.68 -22.63
C ILE A 188 29.87 -44.15 -23.87
N ARG A 189 28.55 -44.35 -23.80
CA ARG A 189 27.86 -44.72 -25.05
C ARG A 189 27.90 -43.57 -26.06
N TYR A 190 28.00 -42.33 -25.60
CA TYR A 190 28.12 -41.20 -26.53
C TYR A 190 29.51 -41.20 -27.19
N THR A 191 30.55 -41.47 -26.40
CA THR A 191 31.88 -41.60 -26.98
C THR A 191 31.93 -42.75 -27.97
N ALA A 192 31.31 -43.87 -27.63
CA ALA A 192 31.35 -45.05 -28.49
C ALA A 192 30.66 -44.80 -29.82
N ILE A 193 29.51 -44.12 -29.81
CA ILE A 193 28.89 -43.88 -31.11
C ILE A 193 29.64 -42.80 -31.88
N ASP A 194 30.25 -41.84 -31.18
CA ASP A 194 31.01 -40.82 -31.90
C ASP A 194 32.22 -41.43 -32.62
N ASN A 195 32.80 -42.49 -32.07
CA ASN A 195 33.97 -43.16 -32.63
C ASN A 195 33.60 -44.34 -33.52
N ASN A 196 32.32 -44.58 -33.74
CA ASN A 196 31.80 -45.69 -34.54
C ASN A 196 32.15 -47.06 -33.97
N GLU A 197 32.42 -47.13 -32.66
CA GLU A 197 32.44 -48.43 -31.98
C GLU A 197 31.06 -49.08 -31.97
N VAL A 198 30.00 -48.27 -31.89
CA VAL A 198 28.63 -48.71 -32.13
C VAL A 198 28.01 -47.72 -33.12
N GLN A 199 26.86 -48.09 -33.67
CA GLN A 199 26.19 -47.26 -34.66
C GLN A 199 24.86 -46.71 -34.19
N VAL A 200 24.30 -47.27 -33.12
CA VAL A 200 23.02 -46.85 -32.56
C VAL A 200 23.19 -46.76 -31.05
N ILE A 201 22.57 -45.75 -30.42
CA ILE A 201 22.50 -45.71 -28.95
C ILE A 201 21.06 -45.40 -28.54
N ASP A 202 20.75 -45.73 -27.28
CA ASP A 202 19.47 -45.33 -26.69
C ASP A 202 19.62 -43.94 -26.06
N ALA A 203 19.80 -42.92 -26.90
CA ALA A 203 19.88 -41.58 -26.36
C ALA A 203 18.59 -41.26 -25.59
N TRP A 204 18.72 -40.55 -24.47
CA TRP A 204 17.55 -40.06 -23.76
C TRP A 204 17.34 -38.60 -24.15
N ALA A 205 16.08 -38.18 -24.28
CA ALA A 205 15.78 -36.93 -24.98
C ALA A 205 16.40 -35.70 -24.32
N THR A 206 16.57 -35.70 -23.00
CA THR A 206 17.19 -34.55 -22.35
C THR A 206 18.68 -34.70 -22.16
N ASP A 207 19.28 -35.78 -22.66
CA ASP A 207 20.68 -36.05 -22.37
C ASP A 207 21.56 -34.84 -22.69
N GLY A 208 22.43 -34.49 -21.75
CA GLY A 208 23.30 -33.34 -21.97
C GLY A 208 24.19 -33.50 -23.19
N LEU A 209 24.66 -34.71 -23.44
CA LEU A 209 25.65 -34.90 -24.49
C LEU A 209 25.04 -34.92 -25.89
N LEU A 210 23.71 -34.93 -26.01
CA LEU A 210 23.11 -34.69 -27.32
C LEU A 210 23.49 -33.31 -27.84
N VAL A 211 23.80 -32.38 -26.93
CA VAL A 211 24.23 -31.04 -27.29
C VAL A 211 25.52 -31.07 -28.12
N SER A 212 26.47 -31.91 -27.74
CA SER A 212 27.82 -31.83 -28.27
C SER A 212 28.14 -32.88 -29.32
N HIS A 213 27.21 -33.79 -29.62
CA HIS A 213 27.41 -34.80 -30.64
C HIS A 213 26.45 -34.55 -31.79
N LYS A 214 26.86 -34.91 -33.00
CA LYS A 214 26.08 -34.62 -34.20
C LYS A 214 25.23 -35.84 -34.52
N LEU A 215 24.16 -36.00 -33.73
CA LEU A 215 23.31 -37.17 -33.80
C LEU A 215 21.93 -36.81 -34.33
N LYS A 216 21.24 -37.82 -34.84
CA LYS A 216 19.87 -37.71 -35.31
C LYS A 216 19.00 -38.65 -34.50
N ILE A 217 17.98 -38.09 -33.86
CA ILE A 217 16.97 -38.87 -33.15
C ILE A 217 15.98 -39.40 -34.17
N LEU A 218 15.83 -40.71 -34.24
CA LEU A 218 14.92 -41.28 -35.22
C LEU A 218 13.49 -41.26 -34.69
N GLU A 219 12.52 -41.29 -35.61
CA GLU A 219 11.11 -41.24 -35.24
C GLU A 219 10.59 -42.62 -34.86
N ASP A 220 9.93 -42.69 -33.70
CA ASP A 220 9.25 -43.89 -33.25
C ASP A 220 7.92 -43.98 -34.00
N ASP A 221 7.97 -44.51 -35.22
CA ASP A 221 6.84 -44.37 -36.15
C ASP A 221 5.65 -45.23 -35.75
N LYS A 222 5.88 -46.36 -35.06
CA LYS A 222 4.80 -47.19 -34.56
C LYS A 222 4.32 -46.75 -33.18
N ALA A 223 4.94 -45.71 -32.61
CA ALA A 223 4.55 -45.14 -31.31
C ALA A 223 4.63 -46.17 -30.19
N PHE A 224 5.74 -46.91 -30.14
CA PHE A 224 5.92 -47.87 -29.06
C PHE A 224 6.04 -47.19 -27.70
N PHE A 225 6.81 -46.11 -27.62
CA PHE A 225 7.07 -45.60 -26.29
C PHE A 225 5.91 -44.72 -25.80
N PRO A 226 5.60 -44.80 -24.51
CA PRO A 226 4.67 -43.84 -23.91
C PRO A 226 5.36 -42.52 -23.67
N PRO A 227 4.62 -41.50 -23.23
CA PRO A 227 5.26 -40.25 -22.78
C PRO A 227 6.01 -40.48 -21.47
N TYR A 228 7.04 -39.68 -21.25
CA TYR A 228 7.89 -39.80 -20.05
C TYR A 228 8.03 -38.44 -19.38
N TYR A 229 6.91 -37.90 -18.91
CA TYR A 229 6.91 -36.58 -18.30
C TYR A 229 7.29 -36.68 -16.84
N ALA A 230 8.28 -35.89 -16.43
CA ALA A 230 8.75 -35.89 -15.06
C ALA A 230 7.79 -35.11 -14.17
N ALA A 231 7.53 -35.65 -12.97
CA ALA A 231 6.71 -34.99 -11.94
C ALA A 231 7.16 -35.42 -10.55
N PRO A 232 7.22 -34.50 -9.59
CA PRO A 232 7.44 -34.92 -8.20
C PRO A 232 6.25 -35.73 -7.71
N ILE A 233 6.51 -36.78 -6.93
CA ILE A 233 5.45 -37.54 -6.27
C ILE A 233 5.84 -37.69 -4.80
N ILE A 234 4.81 -37.77 -3.95
CA ILE A 234 4.98 -37.70 -2.50
C ILE A 234 3.99 -38.62 -1.80
N ARG A 235 4.42 -39.18 -0.67
CA ARG A 235 3.53 -39.97 0.18
C ARG A 235 2.43 -39.08 0.74
N GLN A 236 1.20 -39.59 0.76
CA GLN A 236 0.10 -38.82 1.33
C GLN A 236 0.33 -38.53 2.81
N ASP A 237 0.90 -39.48 3.57
CA ASP A 237 1.05 -39.21 4.99
C ASP A 237 2.07 -38.09 5.24
N VAL A 238 3.01 -37.89 4.32
CA VAL A 238 3.91 -36.77 4.43
C VAL A 238 3.19 -35.46 4.14
N LEU A 239 2.28 -35.46 3.16
CA LEU A 239 1.44 -34.29 2.91
C LEU A 239 0.52 -33.99 4.08
N ASP A 240 0.02 -35.03 4.74
CA ASP A 240 -0.84 -34.83 5.91
C ASP A 240 -0.06 -34.13 7.01
N LYS A 241 1.18 -34.56 7.23
CA LYS A 241 2.01 -33.93 8.26
C LYS A 241 2.45 -32.53 7.85
N HIS A 242 2.75 -32.32 6.57
CA HIS A 242 3.32 -31.06 6.07
C HIS A 242 2.58 -30.60 4.81
N PRO A 243 1.34 -30.13 4.94
CA PRO A 243 0.54 -29.80 3.74
C PRO A 243 1.14 -28.69 2.88
N GLU A 244 1.99 -27.83 3.45
CA GLU A 244 2.61 -26.77 2.66
C GLU A 244 3.39 -27.36 1.48
N LEU A 245 3.88 -28.60 1.61
CA LEU A 245 4.70 -29.18 0.56
C LEU A 245 3.98 -29.17 -0.78
N LYS A 246 2.65 -29.39 -0.77
CA LYS A 246 1.94 -29.45 -2.05
C LYS A 246 2.18 -28.18 -2.85
N ASP A 247 1.98 -27.02 -2.24
CA ASP A 247 2.16 -25.80 -3.01
C ASP A 247 3.63 -25.57 -3.32
N VAL A 248 4.52 -25.91 -2.38
CA VAL A 248 5.93 -25.60 -2.59
C VAL A 248 6.47 -26.35 -3.80
N LEU A 249 6.21 -27.65 -3.85
CA LEU A 249 6.70 -28.43 -4.98
C LEU A 249 5.98 -28.05 -6.25
N ASN A 250 4.72 -27.60 -6.15
CA ASN A 250 4.07 -27.21 -7.39
C ASN A 250 4.56 -25.86 -7.90
N LYS A 251 5.45 -25.18 -7.17
CA LYS A 251 6.08 -24.02 -7.77
C LYS A 251 6.97 -24.41 -8.93
N LEU A 252 7.35 -25.69 -9.02
CA LEU A 252 8.16 -26.13 -10.16
C LEU A 252 7.33 -26.46 -11.39
N ALA A 253 6.01 -26.35 -11.30
CA ALA A 253 5.12 -26.79 -12.37
C ALA A 253 5.41 -26.06 -13.67
N ASN A 254 5.75 -26.83 -14.70
CA ASN A 254 6.01 -26.31 -16.04
C ASN A 254 7.16 -25.30 -16.06
N GLN A 255 8.09 -25.41 -15.11
CA GLN A 255 9.21 -24.47 -15.04
C GLN A 255 10.45 -24.96 -15.77
N ILE A 256 10.45 -26.18 -16.31
CA ILE A 256 11.64 -26.75 -16.94
C ILE A 256 11.25 -27.31 -18.29
N SER A 257 11.66 -26.65 -19.36
CA SER A 257 11.47 -27.18 -20.71
C SER A 257 12.53 -28.23 -21.03
N LEU A 258 12.32 -28.92 -22.15
CA LEU A 258 13.31 -29.87 -22.64
C LEU A 258 14.68 -29.21 -22.84
N GLU A 259 14.69 -28.02 -23.46
CA GLU A 259 15.95 -27.36 -23.75
C GLU A 259 16.65 -26.91 -22.47
N GLU A 260 15.89 -26.41 -21.50
CA GLU A 260 16.46 -26.01 -20.21
C GLU A 260 17.07 -27.22 -19.49
N MET A 261 16.33 -28.34 -19.46
CA MET A 261 16.83 -29.52 -18.79
C MET A 261 18.10 -30.04 -19.47
N GLN A 262 18.09 -30.05 -20.80
CA GLN A 262 19.28 -30.43 -21.56
C GLN A 262 20.48 -29.56 -21.19
N LYS A 263 20.28 -28.25 -21.11
CA LYS A 263 21.40 -27.36 -20.79
C LYS A 263 21.95 -27.65 -19.40
N LEU A 264 21.06 -27.90 -18.43
CA LEU A 264 21.54 -28.22 -17.08
C LEU A 264 22.34 -29.52 -17.08
N ASN A 265 21.77 -30.55 -17.74
CA ASN A 265 22.47 -31.82 -17.85
C ASN A 265 23.84 -31.63 -18.49
N TYR A 266 23.94 -30.75 -19.49
CA TYR A 266 25.24 -30.54 -20.11
C TYR A 266 26.21 -29.81 -19.19
N LYS A 267 25.72 -28.88 -18.36
CA LYS A 267 26.62 -28.24 -17.40
C LYS A 267 27.33 -29.29 -16.55
N VAL A 268 26.62 -30.36 -16.19
CA VAL A 268 27.26 -31.43 -15.43
C VAL A 268 28.11 -32.32 -16.34
N ASP A 269 27.47 -32.94 -17.35
CA ASP A 269 28.13 -33.97 -18.14
C ASP A 269 29.19 -33.41 -19.09
N GLY A 270 28.97 -32.22 -19.63
CA GLY A 270 29.90 -31.63 -20.56
C GLY A 270 30.91 -30.69 -19.93
N GLU A 271 30.47 -29.88 -18.96
CA GLU A 271 31.32 -28.82 -18.39
C GLU A 271 31.79 -29.13 -16.97
N GLY A 272 31.43 -30.28 -16.42
CA GLY A 272 32.03 -30.71 -15.17
C GLY A 272 31.57 -30.00 -13.91
N GLN A 273 30.48 -29.23 -13.97
CA GLN A 273 29.91 -28.66 -12.75
C GLN A 273 29.24 -29.75 -11.92
N ASP A 274 29.20 -29.54 -10.58
CA ASP A 274 28.51 -30.53 -9.76
C ASP A 274 27.00 -30.29 -9.78
N PRO A 275 26.20 -31.35 -9.66
CA PRO A 275 24.75 -31.20 -9.84
C PRO A 275 24.07 -30.36 -8.77
N ALA A 276 24.61 -30.33 -7.55
CA ALA A 276 24.03 -29.46 -6.52
C ALA A 276 24.12 -27.99 -6.92
N LYS A 277 25.31 -27.57 -7.35
CA LYS A 277 25.51 -26.22 -7.86
C LYS A 277 24.58 -25.92 -9.03
N VAL A 278 24.50 -26.83 -10.00
CA VAL A 278 23.68 -26.59 -11.19
C VAL A 278 22.23 -26.39 -10.79
N ALA A 279 21.71 -27.23 -9.91
CA ALA A 279 20.31 -27.14 -9.51
C ALA A 279 20.04 -25.82 -8.79
N LYS A 280 20.90 -25.45 -7.83
CA LYS A 280 20.63 -24.26 -7.05
C LYS A 280 20.73 -23.00 -7.91
N GLU A 281 21.74 -22.93 -8.79
CA GLU A 281 21.88 -21.74 -9.61
C GLU A 281 20.77 -21.62 -10.63
N PHE A 282 20.23 -22.75 -11.12
CA PHE A 282 19.07 -22.68 -12.00
C PHE A 282 17.88 -22.08 -11.24
N LEU A 283 17.62 -22.58 -10.03
CA LEU A 283 16.47 -22.08 -9.28
C LEU A 283 16.63 -20.60 -8.94
N LYS A 284 17.87 -20.16 -8.68
CA LYS A 284 18.09 -18.74 -8.44
C LYS A 284 17.84 -17.93 -9.70
N GLU A 285 18.31 -18.41 -10.86
CA GLU A 285 18.10 -17.69 -12.10
C GLU A 285 16.62 -17.48 -12.39
N LYS A 286 15.82 -18.53 -12.19
CA LYS A 286 14.39 -18.48 -12.45
C LYS A 286 13.58 -17.80 -11.35
N GLY A 287 14.23 -17.33 -10.28
CA GLY A 287 13.51 -16.68 -9.20
C GLY A 287 12.67 -17.60 -8.34
N LEU A 288 12.93 -18.91 -8.39
CA LEU A 288 12.17 -19.85 -7.59
C LEU A 288 12.67 -19.95 -6.15
N ILE A 289 13.94 -19.60 -5.91
CA ILE A 289 14.46 -19.42 -4.56
C ILE A 289 15.19 -18.09 -4.51
N LEU A 290 15.44 -17.62 -3.28
CA LEU A 290 16.08 -16.33 -3.07
C LEU A 290 17.55 -16.34 -3.52
N GLN A 291 18.00 -15.22 -4.06
CA GLN A 291 19.44 -15.00 -4.19
C GLN A 291 20.07 -14.94 -2.81
N VAL A 292 21.30 -15.44 -2.71
CA VAL A 292 22.01 -15.46 -1.43
C VAL A 292 21.19 -16.19 -0.37
N ALA B 15 -3.17 4.38 35.34
CA ALA B 15 -3.57 3.13 34.70
C ALA B 15 -2.47 2.61 33.76
N ASN B 16 -1.75 3.52 33.12
CA ASN B 16 -0.73 3.17 32.12
C ASN B 16 -1.30 2.24 31.06
N ASP B 17 -2.34 2.73 30.39
CA ASP B 17 -2.91 1.98 29.30
C ASP B 17 -2.07 2.22 28.04
N THR B 18 -1.83 1.14 27.30
CA THR B 18 -1.04 1.22 26.08
C THR B 18 -1.78 0.49 24.96
N VAL B 19 -1.46 0.86 23.73
CA VAL B 19 -1.96 0.16 22.54
C VAL B 19 -0.78 -0.05 21.61
N VAL B 20 -0.90 -1.05 20.75
CA VAL B 20 0.13 -1.41 19.78
C VAL B 20 -0.35 -1.02 18.40
N VAL B 21 0.45 -0.20 17.71
CA VAL B 21 0.21 0.19 16.32
C VAL B 21 1.24 -0.53 15.46
N GLY B 22 0.76 -1.29 14.48
CA GLY B 22 1.68 -2.04 13.64
C GLY B 22 1.77 -1.53 12.22
N SER B 23 2.82 -1.97 11.51
CA SER B 23 3.00 -1.67 10.11
C SER B 23 3.86 -2.78 9.51
N ILE B 24 3.67 -3.04 8.22
CA ILE B 24 4.67 -3.85 7.51
C ILE B 24 5.73 -2.88 7.03
N ILE B 25 6.84 -3.38 6.50
CA ILE B 25 8.07 -2.59 6.46
C ILE B 25 8.20 -2.00 5.06
N PHE B 26 7.63 -0.81 4.89
CA PHE B 26 7.80 -0.02 3.69
C PHE B 26 7.55 1.43 4.09
N THR B 27 8.08 2.34 3.27
CA THR B 27 8.14 3.75 3.67
C THR B 27 6.77 4.30 4.03
N GLU B 28 5.80 4.17 3.12
CA GLU B 28 4.49 4.73 3.40
C GLU B 28 3.88 4.09 4.64
N GLY B 29 4.04 2.77 4.79
CA GLY B 29 3.41 2.09 5.91
C GLY B 29 3.92 2.60 7.24
N ILE B 30 5.23 2.85 7.32
CA ILE B 30 5.81 3.33 8.56
C ILE B 30 5.42 4.79 8.81
N ILE B 31 5.42 5.62 7.76
CA ILE B 31 5.00 7.01 7.92
C ILE B 31 3.57 7.07 8.47
N VAL B 32 2.64 6.33 7.87
CA VAL B 32 1.26 6.47 8.32
C VAL B 32 1.03 5.79 9.67
N ALA B 33 1.76 4.70 9.97
CA ALA B 33 1.67 4.13 11.31
C ALA B 33 2.19 5.11 12.35
N ASN B 34 3.26 5.84 12.03
CA ASN B 34 3.75 6.88 12.92
C ASN B 34 2.73 7.97 13.11
N MET B 35 2.03 8.37 12.04
CA MET B 35 0.99 9.39 12.18
C MET B 35 -0.08 8.92 13.16
N VAL B 36 -0.52 7.67 13.02
CA VAL B 36 -1.51 7.13 13.94
C VAL B 36 -0.98 7.19 15.38
N ALA B 37 0.26 6.77 15.58
CA ALA B 37 0.82 6.78 16.94
C ALA B 37 0.86 8.20 17.50
N GLU B 38 1.31 9.16 16.68
CA GLU B 38 1.40 10.55 17.12
C GLU B 38 0.04 11.10 17.48
N MET B 39 -1.00 10.77 16.67
CA MET B 39 -2.33 11.27 16.97
C MET B 39 -2.83 10.71 18.30
N ILE B 40 -2.60 9.41 18.53
CA ILE B 40 -3.04 8.81 19.79
C ILE B 40 -2.33 9.46 20.97
N GLU B 41 -1.02 9.68 20.87
CA GLU B 41 -0.30 10.23 22.02
C GLU B 41 -0.61 11.71 22.20
N ALA B 42 -0.95 12.42 21.14
CA ALA B 42 -1.27 13.84 21.26
C ALA B 42 -2.65 14.07 21.85
N HIS B 43 -3.60 13.19 21.57
CA HIS B 43 -5.00 13.50 21.88
C HIS B 43 -5.63 12.61 22.92
N THR B 44 -4.88 11.65 23.49
CA THR B 44 -5.36 10.79 24.55
C THR B 44 -4.24 10.67 25.58
N ASP B 45 -4.51 9.95 26.67
CA ASP B 45 -3.50 9.63 27.66
C ASP B 45 -2.83 8.28 27.42
N LEU B 46 -3.12 7.61 26.30
CA LEU B 46 -2.51 6.32 25.99
C LEU B 46 -1.09 6.50 25.47
N LYS B 47 -0.24 5.52 25.77
CA LYS B 47 1.08 5.46 25.16
C LYS B 47 1.09 4.34 24.12
N VAL B 48 1.93 4.48 23.09
CA VAL B 48 1.84 3.62 21.93
C VAL B 48 3.15 2.84 21.77
N VAL B 49 3.02 1.53 21.60
CA VAL B 49 4.10 0.67 21.10
C VAL B 49 4.03 0.66 19.59
N ARG B 50 5.12 1.03 18.94
CA ARG B 50 5.22 0.96 17.49
C ARG B 50 5.89 -0.35 17.11
N LYS B 51 5.19 -1.18 16.34
CA LYS B 51 5.69 -2.50 16.01
C LYS B 51 5.82 -2.65 14.50
N LEU B 52 6.92 -3.27 14.06
CA LEU B 52 7.11 -3.60 12.66
C LEU B 52 6.97 -5.10 12.46
N ASN B 53 6.13 -5.49 11.50
CA ASN B 53 5.90 -6.90 11.20
C ASN B 53 6.58 -7.27 9.90
N LEU B 54 7.22 -8.43 9.89
CA LEU B 54 7.90 -8.92 8.69
C LEU B 54 6.88 -9.56 7.76
N GLY B 55 7.08 -9.40 6.47
CA GLY B 55 6.24 -10.01 5.47
C GLY B 55 5.31 -9.01 4.80
N GLY B 56 4.38 -9.55 4.02
CA GLY B 56 3.43 -8.73 3.28
C GLY B 56 1.98 -9.14 3.49
N TYR B 57 1.49 -10.01 2.61
CA TYR B 57 0.07 -10.35 2.57
C TYR B 57 -0.41 -10.96 3.87
N ASN B 58 -1.49 -10.41 4.42
CA ASN B 58 -2.23 -10.89 5.58
C ASN B 58 -1.44 -10.84 6.90
N VAL B 59 -0.22 -10.30 6.91
CA VAL B 59 0.58 -10.30 8.13
C VAL B 59 -0.04 -9.40 9.20
N ASN B 60 -0.39 -8.17 8.83
CA ASN B 60 -0.98 -7.26 9.80
C ASN B 60 -2.35 -7.75 10.23
N PHE B 61 -3.10 -8.36 9.31
CA PHE B 61 -4.42 -8.93 9.60
C PHE B 61 -4.32 -10.01 10.69
N GLU B 62 -3.41 -10.96 10.52
CA GLU B 62 -3.22 -11.98 11.54
C GLU B 62 -2.78 -11.37 12.86
N ALA B 63 -1.90 -10.35 12.80
CA ALA B 63 -1.44 -9.71 14.03
C ALA B 63 -2.59 -9.03 14.77
N ILE B 64 -3.48 -8.35 14.04
CA ILE B 64 -4.55 -7.64 14.73
C ILE B 64 -5.55 -8.64 15.28
N LYS B 65 -5.72 -9.80 14.63
CA LYS B 65 -6.55 -10.84 15.21
C LYS B 65 -5.98 -11.31 16.53
N ARG B 66 -4.65 -11.31 16.66
CA ARG B 66 -4.05 -11.67 17.94
C ARG B 66 -4.26 -10.58 18.99
N GLY B 67 -4.05 -9.32 18.61
CA GLY B 67 -4.19 -8.21 19.55
C GLY B 67 -2.91 -7.94 20.31
N GLY B 68 -2.81 -6.71 20.82
CA GLY B 68 -1.60 -6.29 21.54
C GLY B 68 -1.33 -7.06 22.81
N ALA B 69 -2.35 -7.73 23.36
CA ALA B 69 -2.19 -8.55 24.56
C ALA B 69 -1.57 -9.91 24.27
N ASN B 70 -1.52 -10.34 23.00
CA ASN B 70 -1.03 -11.66 22.64
C ASN B 70 0.03 -11.55 21.55
N ASN B 71 1.00 -10.67 21.76
CA ASN B 71 2.12 -10.48 20.82
C ASN B 71 1.63 -10.10 19.41
N GLY B 72 0.48 -9.43 19.32
CA GLY B 72 0.00 -8.92 18.06
C GLY B 72 -0.12 -7.40 18.09
N ILE B 73 -1.07 -6.84 17.33
CA ILE B 73 -1.25 -5.40 17.25
C ILE B 73 -2.72 -5.09 17.48
N ASP B 74 -2.99 -3.82 17.82
CA ASP B 74 -4.35 -3.37 18.05
C ASP B 74 -4.91 -2.53 16.92
N ILE B 75 -4.02 -1.87 16.17
CA ILE B 75 -4.39 -0.88 15.17
C ILE B 75 -3.40 -1.01 14.02
N TYR B 76 -3.90 -0.87 12.78
CA TYR B 76 -2.97 -0.56 11.69
C TYR B 76 -3.75 0.05 10.54
N VAL B 77 -3.02 0.51 9.53
CA VAL B 77 -3.62 1.13 8.36
C VAL B 77 -3.67 0.09 7.26
N GLU B 78 -4.87 -0.32 6.88
CA GLU B 78 -5.08 -1.32 5.84
C GLU B 78 -5.60 -0.63 4.57
N TYR B 79 -5.48 -1.32 3.44
CA TYR B 79 -5.97 -0.81 2.16
C TYR B 79 -7.17 -1.64 1.74
N THR B 80 -8.24 -0.95 1.29
CA THR B 80 -9.50 -1.64 1.03
C THR B 80 -9.32 -2.82 0.08
N GLY B 81 -8.59 -2.63 -1.01
CA GLY B 81 -8.44 -3.71 -2.00
C GLY B 81 -7.71 -4.94 -1.47
N HIS B 82 -6.71 -4.72 -0.60
CA HIS B 82 -5.99 -5.87 -0.05
C HIS B 82 -6.91 -6.69 0.85
N GLY B 83 -7.80 -6.03 1.61
CA GLY B 83 -8.76 -6.77 2.40
C GLY B 83 -9.84 -7.43 1.54
N LEU B 84 -10.26 -6.74 0.49
CA LEU B 84 -11.35 -7.25 -0.36
C LEU B 84 -10.95 -8.54 -1.02
N VAL B 85 -9.73 -8.61 -1.58
CA VAL B 85 -9.33 -9.84 -2.25
C VAL B 85 -9.28 -11.00 -1.27
N ASP B 86 -8.94 -10.74 -0.01
CA ASP B 86 -8.87 -11.83 0.96
C ASP B 86 -10.26 -12.33 1.32
N ILE B 87 -11.23 -11.41 1.40
CA ILE B 87 -12.61 -11.81 1.65
C ILE B 87 -13.14 -12.65 0.50
N LEU B 88 -12.91 -12.20 -0.73
CA LEU B 88 -13.53 -12.85 -1.88
C LEU B 88 -12.86 -14.19 -2.23
N GLY B 89 -11.55 -14.31 -2.01
CA GLY B 89 -10.81 -15.49 -2.40
C GLY B 89 -10.30 -15.50 -3.82
N PHE B 90 -10.56 -14.43 -4.58
CA PHE B 90 -10.14 -14.29 -5.97
C PHE B 90 -10.17 -12.80 -6.28
N PRO B 91 -9.26 -12.31 -7.13
CA PRO B 91 -9.25 -10.88 -7.44
C PRO B 91 -10.52 -10.42 -8.13
N ALA B 92 -10.99 -9.26 -7.71
CA ALA B 92 -12.15 -8.64 -8.33
C ALA B 92 -11.93 -7.14 -8.31
N THR B 93 -12.70 -6.45 -9.12
CA THR B 93 -12.65 -5.00 -9.15
C THR B 93 -14.01 -4.43 -8.74
N THR B 94 -13.99 -3.17 -8.34
CA THR B 94 -15.19 -2.49 -7.88
C THR B 94 -14.82 -1.02 -7.76
N ASP B 95 -15.78 -0.20 -7.35
CA ASP B 95 -15.51 1.22 -7.14
C ASP B 95 -15.08 1.43 -5.69
N PRO B 96 -14.55 2.62 -5.37
CA PRO B 96 -14.03 2.81 -4.00
C PRO B 96 -15.05 2.53 -2.90
N GLU B 97 -16.28 3.00 -3.08
CA GLU B 97 -17.28 2.80 -2.03
C GLU B 97 -17.65 1.33 -1.91
N GLY B 98 -17.71 0.61 -3.04
CA GLY B 98 -18.01 -0.81 -2.97
C GLY B 98 -16.96 -1.57 -2.18
N ALA B 99 -15.68 -1.29 -2.45
CA ALA B 99 -14.59 -1.93 -1.72
C ALA B 99 -14.66 -1.60 -0.24
N TYR B 100 -14.82 -0.30 0.09
CA TYR B 100 -14.77 0.12 1.48
C TYR B 100 -15.94 -0.46 2.27
N GLU B 101 -17.16 -0.32 1.76
CA GLU B 101 -18.30 -0.82 2.53
CA GLU B 101 -18.33 -0.82 2.49
C GLU B 101 -18.24 -2.33 2.67
N THR B 102 -17.77 -3.05 1.65
CA THR B 102 -17.70 -4.50 1.78
C THR B 102 -16.70 -4.91 2.85
N VAL B 103 -15.49 -4.34 2.83
CA VAL B 103 -14.52 -4.73 3.86
C VAL B 103 -14.99 -4.29 5.23
N LYS B 104 -15.60 -3.10 5.34
CA LYS B 104 -16.03 -2.62 6.66
C LYS B 104 -17.06 -3.56 7.27
N LYS B 105 -18.11 -3.87 6.51
CA LYS B 105 -19.16 -4.73 7.04
C LYS B 105 -18.62 -6.12 7.38
N GLU B 106 -17.80 -6.69 6.49
CA GLU B 106 -17.34 -8.06 6.72
C GLU B 106 -16.36 -8.13 7.89
N TYR B 107 -15.43 -7.18 7.99
CA TYR B 107 -14.48 -7.23 9.11
C TYR B 107 -15.19 -7.06 10.44
N LYS B 108 -16.21 -6.19 10.49
CA LYS B 108 -16.97 -6.04 11.72
C LYS B 108 -17.68 -7.33 12.09
N ARG B 109 -18.45 -7.89 11.14
CA ARG B 109 -19.27 -9.05 11.48
C ARG B 109 -18.40 -10.26 11.81
N LYS B 110 -17.41 -10.56 10.98
CA LYS B 110 -16.67 -11.80 11.14
C LYS B 110 -15.58 -11.70 12.20
N TRP B 111 -14.94 -10.54 12.36
CA TRP B 111 -13.76 -10.45 13.19
C TRP B 111 -13.84 -9.40 14.29
N ASN B 112 -14.92 -8.63 14.36
CA ASN B 112 -15.02 -7.52 15.33
C ASN B 112 -13.85 -6.55 15.14
N ILE B 113 -13.52 -6.28 13.89
CA ILE B 113 -12.51 -5.28 13.52
C ILE B 113 -13.25 -4.13 12.84
N VAL B 114 -12.95 -2.91 13.27
CA VAL B 114 -13.65 -1.70 12.83
C VAL B 114 -12.74 -0.93 11.88
N TRP B 115 -13.23 -0.74 10.64
CA TRP B 115 -12.60 0.17 9.68
C TRP B 115 -13.04 1.61 9.99
N LEU B 116 -12.07 2.48 10.22
CA LEU B 116 -12.34 3.90 10.41
C LEU B 116 -12.32 4.59 9.04
N LYS B 117 -12.35 5.92 9.04
CA LYS B 117 -12.55 6.62 7.77
C LYS B 117 -11.26 6.61 6.93
N PRO B 118 -11.39 6.57 5.60
CA PRO B 118 -10.19 6.61 4.74
C PRO B 118 -9.36 7.88 4.94
N LEU B 119 -8.03 7.72 4.83
CA LEU B 119 -7.10 8.83 4.96
C LEU B 119 -7.22 9.80 3.80
N GLY B 120 -7.54 9.31 2.60
CA GLY B 120 -7.75 10.18 1.46
C GLY B 120 -7.03 9.79 0.18
N PHE B 121 -6.14 8.80 0.22
CA PHE B 121 -5.38 8.43 -0.98
C PHE B 121 -5.56 6.95 -1.29
N ASN B 122 -5.32 6.64 -2.57
CA ASN B 122 -5.43 5.31 -3.17
C ASN B 122 -4.04 4.87 -3.63
N ASN B 123 -3.41 3.94 -2.92
CA ASN B 123 -2.04 3.55 -3.27
C ASN B 123 -2.09 2.23 -4.02
N THR B 124 -2.43 2.31 -5.30
CA THR B 124 -2.64 1.11 -6.09
C THR B 124 -1.33 0.61 -6.71
N TYR B 125 -1.27 -0.70 -6.90
CA TYR B 125 -0.30 -1.28 -7.83
C TYR B 125 -0.49 -0.66 -9.22
N THR B 126 0.63 -0.51 -9.94
CA THR B 126 0.60 -0.10 -11.33
C THR B 126 1.63 -0.93 -12.09
N LEU B 127 1.58 -0.82 -13.42
CA LEU B 127 2.72 -1.15 -14.25
C LEU B 127 3.19 0.15 -14.90
N THR B 128 4.48 0.40 -14.85
CA THR B 128 5.06 1.69 -15.17
C THR B 128 6.31 1.47 -16.01
N VAL B 129 6.51 2.30 -17.03
CA VAL B 129 7.66 2.19 -17.91
C VAL B 129 8.35 3.55 -18.00
N LYS B 130 9.57 3.57 -18.52
CA LYS B 130 10.19 4.84 -18.85
C LYS B 130 9.37 5.58 -19.91
N ASP B 131 9.22 6.89 -19.72
CA ASP B 131 8.44 7.65 -20.69
C ASP B 131 9.05 7.57 -22.08
N GLU B 132 10.37 7.38 -22.17
CA GLU B 132 11.02 7.15 -23.45
C GLU B 132 10.53 5.88 -24.11
N LEU B 133 10.39 4.80 -23.33
CA LEU B 133 9.86 3.55 -23.89
C LEU B 133 8.39 3.69 -24.27
N ALA B 134 7.63 4.43 -23.45
CA ALA B 134 6.22 4.67 -23.78
C ALA B 134 6.08 5.40 -25.11
N LYS B 135 6.92 6.41 -25.33
CA LYS B 135 6.85 7.14 -26.60
C LYS B 135 7.35 6.28 -27.76
N GLN B 136 8.40 5.48 -27.54
CA GLN B 136 8.93 4.64 -28.60
C GLN B 136 7.90 3.63 -29.09
N TYR B 137 7.10 3.06 -28.19
CA TYR B 137 6.14 2.04 -28.60
C TYR B 137 4.69 2.50 -28.54
N ASN B 138 4.45 3.79 -28.34
CA ASN B 138 3.10 4.35 -28.21
C ASN B 138 2.27 3.56 -27.19
N LEU B 139 2.78 3.50 -25.97
CA LEU B 139 2.15 2.73 -24.91
C LEU B 139 1.26 3.64 -24.08
N LYS B 140 0.01 3.22 -23.87
CA LYS B 140 -0.88 3.92 -22.96
C LYS B 140 -1.51 2.98 -21.94
N THR B 141 -1.73 1.71 -22.31
CA THR B 141 -2.52 0.79 -21.48
C THR B 141 -1.76 -0.50 -21.21
N PHE B 142 -2.26 -1.26 -20.23
CA PHE B 142 -1.70 -2.58 -19.98
C PHE B 142 -1.78 -3.46 -21.22
N SER B 143 -2.90 -3.38 -21.98
CA SER B 143 -3.03 -4.22 -23.17
C SER B 143 -1.96 -3.88 -24.21
N ASP B 144 -1.69 -2.59 -24.41
CA ASP B 144 -0.57 -2.15 -25.25
C ASP B 144 0.73 -2.81 -24.82
N LEU B 145 1.00 -2.78 -23.52
CA LEU B 145 2.23 -3.35 -23.00
C LEU B 145 2.27 -4.87 -23.23
N ALA B 146 1.15 -5.54 -23.01
CA ALA B 146 1.13 -7.00 -23.14
C ALA B 146 1.45 -7.42 -24.57
N LYS B 147 1.02 -6.63 -25.56
CA LYS B 147 1.34 -6.98 -26.95
C LYS B 147 2.85 -7.08 -27.20
N ILE B 148 3.68 -6.30 -26.50
CA ILE B 148 5.12 -6.30 -26.69
C ILE B 148 5.88 -6.88 -25.51
N SER B 149 5.16 -7.44 -24.52
CA SER B 149 5.82 -7.86 -23.28
C SER B 149 6.91 -8.90 -23.48
N ASP B 150 6.86 -9.69 -24.56
CA ASP B 150 7.88 -10.72 -24.73
C ASP B 150 9.27 -10.15 -24.99
N LYS B 151 9.38 -8.86 -25.29
CA LYS B 151 10.67 -8.21 -25.48
C LYS B 151 11.21 -7.59 -24.21
N LEU B 152 10.43 -7.55 -23.14
CA LEU B 152 10.72 -6.72 -21.98
C LEU B 152 10.94 -7.56 -20.74
N ILE B 153 11.68 -6.99 -19.79
CA ILE B 153 11.90 -7.57 -18.48
C ILE B 153 11.12 -6.76 -17.46
N LEU B 154 10.38 -7.45 -16.60
CA LEU B 154 9.66 -6.83 -15.50
C LEU B 154 10.50 -6.96 -14.23
N GLY B 155 10.69 -5.85 -13.53
CA GLY B 155 11.32 -5.89 -12.22
C GLY B 155 10.26 -5.51 -11.20
N ALA B 156 10.01 -6.35 -10.20
CA ALA B 156 8.83 -6.12 -9.38
C ALA B 156 9.12 -6.51 -7.94
N THR B 157 8.37 -5.90 -7.02
CA THR B 157 8.52 -6.24 -5.62
C THR B 157 8.02 -7.66 -5.35
N MET B 158 8.61 -8.28 -4.33
CA MET B 158 8.13 -9.58 -3.85
C MET B 158 6.64 -9.55 -3.54
N TRP B 159 6.17 -8.48 -2.87
CA TRP B 159 4.75 -8.42 -2.52
C TRP B 159 3.86 -8.48 -3.77
N PHE B 160 4.23 -7.77 -4.83
CA PHE B 160 3.45 -7.79 -6.05
C PHE B 160 3.50 -9.17 -6.72
N LEU B 161 4.68 -9.79 -6.76
CA LEU B 161 4.81 -11.07 -7.44
C LEU B 161 4.11 -12.19 -6.69
N GLU B 162 4.00 -12.08 -5.36
CA GLU B 162 3.44 -13.15 -4.55
C GLU B 162 2.01 -12.91 -4.12
N GLY B 163 1.49 -11.68 -4.19
CA GLY B 163 0.18 -11.39 -3.68
C GLY B 163 -0.93 -11.93 -4.56
N PRO B 164 -1.98 -12.47 -3.94
CA PRO B 164 -3.10 -13.01 -4.74
C PRO B 164 -3.79 -11.94 -5.58
N ASP B 165 -3.73 -10.67 -5.18
CA ASP B 165 -4.27 -9.57 -5.98
C ASP B 165 -3.20 -8.92 -6.84
N GLY B 166 -1.99 -9.46 -6.86
CA GLY B 166 -0.92 -8.85 -7.63
C GLY B 166 -0.69 -9.48 -8.98
N TYR B 167 0.57 -9.77 -9.26
CA TYR B 167 0.95 -10.23 -10.61
C TYR B 167 0.30 -11.53 -11.05
N PRO B 168 0.13 -12.57 -10.22
CA PRO B 168 -0.45 -13.83 -10.77
C PRO B 168 -1.75 -13.65 -11.56
N GLY B 169 -2.74 -12.99 -10.97
CA GLY B 169 -3.99 -12.79 -11.67
C GLY B 169 -3.89 -11.80 -12.82
N LEU B 170 -3.02 -10.79 -12.68
CA LEU B 170 -2.85 -9.82 -13.76
C LEU B 170 -2.24 -10.48 -14.99
N GLN B 171 -1.17 -11.24 -14.78
CA GLN B 171 -0.55 -12.02 -15.83
C GLN B 171 -1.58 -12.86 -16.55
N LYS B 172 -2.41 -13.60 -15.79
CA LYS B 172 -3.40 -14.46 -16.44
C LYS B 172 -4.42 -13.64 -17.24
N LEU B 173 -4.91 -12.53 -16.68
CA LEU B 173 -5.97 -11.79 -17.37
C LEU B 173 -5.48 -11.17 -18.67
N TYR B 174 -4.30 -10.56 -18.66
CA TYR B 174 -3.81 -9.88 -19.84
C TYR B 174 -2.93 -10.75 -20.72
N ASN B 175 -2.63 -11.96 -20.29
CA ASN B 175 -1.66 -12.83 -20.96
C ASN B 175 -0.33 -12.12 -21.14
N PHE B 176 0.20 -11.58 -20.04
CA PHE B 176 1.54 -11.01 -20.05
C PHE B 176 2.56 -12.13 -20.22
N LYS B 177 3.56 -11.90 -21.07
CA LYS B 177 4.61 -12.89 -21.27
C LYS B 177 5.94 -12.15 -21.32
N PHE B 178 6.44 -11.72 -20.17
CA PHE B 178 7.69 -10.98 -20.17
C PHE B 178 8.86 -11.94 -20.38
N LYS B 179 9.90 -11.43 -21.06
CA LYS B 179 11.10 -12.21 -21.32
C LYS B 179 11.71 -12.72 -20.02
N HIS B 180 11.73 -11.89 -18.98
CA HIS B 180 12.19 -12.28 -17.66
CA HIS B 180 12.15 -12.31 -17.66
C HIS B 180 11.40 -11.49 -16.62
N THR B 181 11.25 -12.06 -15.43
CA THR B 181 10.63 -11.39 -14.30
C THR B 181 11.60 -11.49 -13.13
N LYS B 182 12.02 -10.35 -12.60
CA LYS B 182 13.00 -10.30 -11.53
C LYS B 182 12.36 -9.71 -10.28
N SER B 183 12.53 -10.39 -9.15
CA SER B 183 12.09 -9.87 -7.86
C SER B 183 13.15 -8.90 -7.33
N MET B 184 12.73 -7.70 -6.96
CA MET B 184 13.65 -6.64 -6.55
C MET B 184 13.13 -5.91 -5.31
N ASP B 185 14.08 -5.45 -4.50
CA ASP B 185 13.75 -4.59 -3.38
C ASP B 185 13.11 -3.30 -3.87
N MET B 186 12.41 -2.62 -2.96
CA MET B 186 11.55 -1.52 -3.38
CA MET B 186 11.55 -1.50 -3.35
C MET B 186 12.34 -0.39 -4.03
N GLY B 187 13.38 0.11 -3.38
CA GLY B 187 14.12 1.22 -3.95
C GLY B 187 14.91 0.83 -5.18
N ILE B 188 15.53 -0.35 -5.15
CA ILE B 188 16.41 -0.73 -6.24
C ILE B 188 15.67 -0.91 -7.58
N ARG B 189 14.36 -1.18 -7.57
CA ARG B 189 13.68 -1.34 -8.86
C ARG B 189 13.62 -0.04 -9.63
N TYR B 190 13.61 1.12 -8.94
CA TYR B 190 13.65 2.39 -9.64
C TYR B 190 15.03 2.61 -10.27
N THR B 191 16.09 2.26 -9.56
CA THR B 191 17.43 2.34 -10.14
C THR B 191 17.55 1.39 -11.34
N ALA B 192 17.01 0.18 -11.22
CA ALA B 192 17.13 -0.80 -12.29
C ALA B 192 16.40 -0.34 -13.55
N ILE B 193 15.19 0.21 -13.40
CA ILE B 193 14.53 0.68 -14.61
C ILE B 193 15.24 1.92 -15.14
N ASP B 194 15.80 2.75 -14.26
CA ASP B 194 16.53 3.93 -14.73
C ASP B 194 17.73 3.54 -15.58
N ASN B 195 18.40 2.45 -15.22
CA ASN B 195 19.58 1.93 -15.92
C ASN B 195 19.22 0.99 -17.07
N ASN B 196 17.94 0.77 -17.34
CA ASN B 196 17.46 -0.17 -18.36
C ASN B 196 17.88 -1.61 -18.09
N GLU B 197 18.14 -1.96 -16.82
CA GLU B 197 18.30 -3.35 -16.45
C GLU B 197 16.97 -4.10 -16.55
N VAL B 198 15.87 -3.39 -16.31
CA VAL B 198 14.51 -3.87 -16.59
C VAL B 198 13.82 -2.75 -17.35
N GLN B 199 12.68 -3.09 -17.98
CA GLN B 199 11.93 -2.11 -18.75
C GLN B 199 10.54 -1.79 -18.15
N VAL B 200 10.08 -2.56 -17.17
CA VAL B 200 8.79 -2.34 -16.53
C VAL B 200 8.98 -2.56 -15.03
N ILE B 201 8.31 -1.75 -14.21
CA ILE B 201 8.28 -2.00 -12.77
C ILE B 201 6.86 -1.87 -12.26
N ASP B 202 6.62 -2.48 -11.10
CA ASP B 202 5.33 -2.33 -10.40
C ASP B 202 5.38 -1.10 -9.50
N ALA B 203 5.44 0.06 -10.13
CA ALA B 203 5.40 1.27 -9.33
C ALA B 203 4.11 1.29 -8.51
N TRP B 204 4.21 1.76 -7.27
CA TRP B 204 3.03 1.98 -6.45
C TRP B 204 2.69 3.46 -6.55
N ALA B 205 1.40 3.78 -6.64
CA ALA B 205 0.99 5.12 -7.07
C ALA B 205 1.54 6.23 -6.16
N THR B 206 1.73 5.98 -4.87
CA THR B 206 2.25 7.02 -4.00
C THR B 206 3.77 7.01 -3.86
N ASP B 207 4.48 6.14 -4.57
CA ASP B 207 5.91 5.96 -4.34
C ASP B 207 6.64 7.30 -4.40
N GLY B 208 7.47 7.54 -3.39
CA GLY B 208 8.24 8.77 -3.36
C GLY B 208 9.21 8.88 -4.53
N LEU B 209 9.77 7.74 -4.98
CA LEU B 209 10.78 7.82 -6.02
C LEU B 209 10.21 8.14 -7.38
N LEU B 210 8.87 8.07 -7.55
CA LEU B 210 8.28 8.55 -8.80
C LEU B 210 8.61 10.02 -9.04
N VAL B 211 8.85 10.77 -7.97
CA VAL B 211 9.22 12.18 -8.05
C VAL B 211 10.52 12.38 -8.83
N SER B 212 11.46 11.44 -8.71
CA SER B 212 12.81 11.60 -9.22
C SER B 212 13.01 10.99 -10.59
N HIS B 213 12.03 10.27 -11.10
CA HIS B 213 12.18 9.52 -12.34
C HIS B 213 11.14 10.00 -13.35
N LYS B 214 11.50 9.92 -14.63
CA LYS B 214 10.57 10.28 -15.70
C LYS B 214 9.88 9.02 -16.24
N LEU B 215 8.96 8.51 -15.43
CA LEU B 215 8.22 7.30 -15.76
C LEU B 215 6.78 7.61 -16.13
N LYS B 216 6.20 6.74 -16.96
CA LYS B 216 4.79 6.80 -17.34
C LYS B 216 4.05 5.63 -16.71
N ILE B 217 3.00 5.96 -15.96
CA ILE B 217 2.10 4.98 -15.37
C ILE B 217 1.06 4.61 -16.41
N LEU B 218 0.98 3.31 -16.74
CA LEU B 218 0.07 2.85 -17.77
C LEU B 218 -1.31 2.59 -17.19
N GLU B 219 -2.32 2.65 -18.05
CA GLU B 219 -3.71 2.49 -17.63
C GLU B 219 -4.08 1.01 -17.60
N ASP B 220 -4.72 0.61 -16.50
CA ASP B 220 -5.29 -0.73 -16.28
C ASP B 220 -6.62 -0.78 -17.02
N ASP B 221 -6.53 -1.01 -18.34
CA ASP B 221 -7.70 -0.79 -19.20
C ASP B 221 -8.81 -1.81 -18.95
N LYS B 222 -8.47 -2.99 -18.48
CA LYS B 222 -9.49 -3.99 -18.14
C LYS B 222 -9.94 -3.90 -16.70
N ALA B 223 -9.40 -2.96 -15.92
CA ALA B 223 -9.77 -2.76 -14.52
C ALA B 223 -9.55 -4.03 -13.71
N PHE B 224 -8.35 -4.59 -13.79
CA PHE B 224 -8.05 -5.75 -12.96
C PHE B 224 -7.94 -5.36 -11.49
N PHE B 225 -7.26 -4.27 -11.19
CA PHE B 225 -7.01 -4.01 -9.78
C PHE B 225 -8.22 -3.38 -9.10
N PRO B 226 -8.44 -3.70 -7.83
CA PRO B 226 -9.48 -3.01 -7.05
C PRO B 226 -8.94 -1.67 -6.54
N PRO B 227 -9.77 -0.86 -5.87
CA PRO B 227 -9.24 0.35 -5.20
C PRO B 227 -8.39 -0.05 -4.02
N TYR B 228 -7.40 0.80 -3.70
CA TYR B 228 -6.50 0.54 -2.56
C TYR B 228 -6.46 1.76 -1.65
N TYR B 229 -7.61 2.09 -1.06
CA TYR B 229 -7.71 3.26 -0.19
C TYR B 229 -7.30 2.90 1.21
N ALA B 230 -6.36 3.67 1.76
CA ALA B 230 -5.84 3.43 3.11
C ALA B 230 -6.83 3.95 4.14
N ALA B 231 -6.99 3.18 5.23
CA ALA B 231 -7.82 3.54 6.35
C ALA B 231 -7.30 2.89 7.63
N PRO B 232 -7.31 3.59 8.77
CA PRO B 232 -7.01 2.92 10.04
C PRO B 232 -8.10 1.92 10.37
N ILE B 233 -7.69 0.77 10.90
CA ILE B 233 -8.63 -0.22 11.41
C ILE B 233 -8.15 -0.63 12.81
N ILE B 234 -9.11 -1.04 13.64
CA ILE B 234 -8.88 -1.18 15.09
C ILE B 234 -9.75 -2.31 15.64
N ARG B 235 -9.22 -3.04 16.62
CA ARG B 235 -10.02 -4.05 17.31
C ARG B 235 -11.19 -3.40 18.06
N GLN B 236 -12.36 -4.02 17.97
CA GLN B 236 -13.51 -3.50 18.70
C GLN B 236 -13.27 -3.50 20.21
N ASP B 237 -12.56 -4.50 20.74
CA ASP B 237 -12.39 -4.51 22.19
C ASP B 237 -11.48 -3.36 22.66
N VAL B 238 -10.56 -2.92 21.81
CA VAL B 238 -9.73 -1.76 22.14
C VAL B 238 -10.58 -0.49 22.12
N LEU B 239 -11.49 -0.38 21.15
CA LEU B 239 -12.43 0.73 21.10
C LEU B 239 -13.37 0.72 22.31
N ASP B 240 -13.73 -0.47 22.78
CA ASP B 240 -14.56 -0.59 23.97
C ASP B 240 -13.84 -0.08 25.20
N LYS B 241 -12.55 -0.40 25.34
CA LYS B 241 -11.79 0.10 26.48
C LYS B 241 -11.49 1.59 26.35
N HIS B 242 -11.24 2.07 25.13
CA HIS B 242 -10.83 3.45 24.87
C HIS B 242 -11.67 4.06 23.75
N PRO B 243 -12.93 4.43 24.05
CA PRO B 243 -13.83 4.88 22.96
C PRO B 243 -13.37 6.15 22.27
N GLU B 244 -12.59 6.98 22.97
CA GLU B 244 -12.11 8.23 22.38
C GLU B 244 -11.32 7.98 21.10
N LEU B 245 -10.72 6.79 20.97
CA LEU B 245 -9.87 6.51 19.82
C LEU B 245 -10.61 6.71 18.51
N LYS B 246 -11.92 6.39 18.47
CA LYS B 246 -12.63 6.54 17.20
C LYS B 246 -12.51 7.96 16.69
N ASP B 247 -12.93 8.93 17.51
CA ASP B 247 -12.88 10.30 17.01
C ASP B 247 -11.46 10.73 16.77
N VAL B 248 -10.52 10.28 17.62
CA VAL B 248 -9.15 10.74 17.47
C VAL B 248 -8.62 10.29 16.11
N LEU B 249 -8.84 9.02 15.79
CA LEU B 249 -8.24 8.54 14.56
C LEU B 249 -8.99 9.09 13.36
N ASN B 250 -10.28 9.41 13.54
CA ASN B 250 -11.00 9.98 12.41
C ASN B 250 -10.64 11.44 12.18
N LYS B 251 -9.83 12.02 13.05
CA LYS B 251 -9.29 13.34 12.73
C LYS B 251 -8.43 13.30 11.47
N LEU B 252 -7.94 12.11 11.07
CA LEU B 252 -7.13 12.00 9.86
C LEU B 252 -7.97 11.82 8.61
N ALA B 253 -9.29 11.75 8.75
CA ALA B 253 -10.14 11.42 7.60
C ALA B 253 -9.98 12.45 6.48
N ASN B 254 -9.67 11.97 5.27
CA ASN B 254 -9.52 12.82 4.10
C ASN B 254 -8.46 13.91 4.28
N GLN B 255 -7.48 13.69 5.16
CA GLN B 255 -6.43 14.67 5.40
C GLN B 255 -5.15 14.41 4.62
N ILE B 256 -5.06 13.29 3.89
CA ILE B 256 -3.86 12.94 3.13
C ILE B 256 -4.27 12.61 1.69
N SER B 257 -4.01 13.52 0.77
CA SER B 257 -4.21 13.26 -0.64
C SER B 257 -3.08 12.40 -1.19
N LEU B 258 -3.26 11.91 -2.43
CA LEU B 258 -2.19 11.16 -3.08
C LEU B 258 -0.92 11.98 -3.19
N GLU B 259 -1.08 13.25 -3.55
CA GLU B 259 0.08 14.14 -3.71
C GLU B 259 0.77 14.42 -2.38
N GLU B 260 0.00 14.64 -1.30
CA GLU B 260 0.60 14.84 0.02
C GLU B 260 1.35 13.58 0.46
N MET B 261 0.71 12.42 0.30
CA MET B 261 1.37 11.17 0.69
C MET B 261 2.65 10.95 -0.10
N GLN B 262 2.62 11.20 -1.41
CA GLN B 262 3.81 11.03 -2.23
C GLN B 262 4.92 11.98 -1.79
N LYS B 263 4.57 13.20 -1.41
CA LYS B 263 5.59 14.13 -0.95
C LYS B 263 6.25 13.65 0.33
N LEU B 264 5.46 13.08 1.25
CA LEU B 264 6.06 12.52 2.46
C LEU B 264 6.97 11.32 2.14
N ASN B 265 6.47 10.42 1.28
CA ASN B 265 7.28 9.27 0.89
C ASN B 265 8.59 9.72 0.24
N TYR B 266 8.54 10.80 -0.53
CA TYR B 266 9.76 11.33 -1.15
C TYR B 266 10.72 11.90 -0.11
N LYS B 267 10.18 12.58 0.91
CA LYS B 267 11.07 13.09 1.97
C LYS B 267 11.88 11.97 2.59
N VAL B 268 11.28 10.78 2.74
CA VAL B 268 12.03 9.65 3.29
C VAL B 268 12.95 9.03 2.23
N ASP B 269 12.37 8.58 1.12
CA ASP B 269 13.12 7.77 0.15
C ASP B 269 14.07 8.60 -0.72
N GLY B 270 13.69 9.82 -1.06
CA GLY B 270 14.50 10.66 -1.92
C GLY B 270 15.45 11.55 -1.13
N GLU B 271 14.98 12.15 -0.04
CA GLU B 271 15.78 13.08 0.75
C GLU B 271 16.46 12.43 1.95
N GLY B 272 16.08 11.20 2.31
CA GLY B 272 16.74 10.51 3.40
C GLY B 272 16.33 10.93 4.80
N GLN B 273 15.21 11.64 4.93
CA GLN B 273 14.72 12.01 6.25
C GLN B 273 14.11 10.78 6.94
N ASP B 274 14.15 10.77 8.30
CA ASP B 274 13.58 9.59 8.95
C ASP B 274 12.05 9.70 9.00
N PRO B 275 11.36 8.57 8.91
CA PRO B 275 9.89 8.60 8.81
C PRO B 275 9.19 9.16 10.04
N ALA B 276 9.76 8.99 11.24
CA ALA B 276 9.12 9.55 12.43
C ALA B 276 9.05 11.07 12.34
N LYS B 277 10.17 11.69 11.97
CA LYS B 277 10.23 13.14 11.82
C LYS B 277 9.27 13.62 10.73
N VAL B 278 9.22 12.91 9.60
CA VAL B 278 8.37 13.32 8.48
C VAL B 278 6.89 13.27 8.88
N ALA B 279 6.50 12.18 9.56
CA ALA B 279 5.10 12.06 10.00
C ALA B 279 4.73 13.17 10.98
N LYS B 280 5.59 13.39 11.98
CA LYS B 280 5.27 14.38 13.00
C LYS B 280 5.20 15.79 12.42
N GLU B 281 6.15 16.15 11.54
CA GLU B 281 6.15 17.48 10.96
C GLU B 281 4.94 17.72 10.06
N PHE B 282 4.53 16.69 9.29
CA PHE B 282 3.30 16.83 8.52
C PHE B 282 2.10 17.12 9.42
N LEU B 283 1.97 16.36 10.51
CA LEU B 283 0.81 16.57 11.37
C LEU B 283 0.84 17.97 11.99
N LYS B 284 2.03 18.43 12.41
CA LYS B 284 2.13 19.76 13.02
C LYS B 284 1.79 20.84 12.00
N GLU B 285 2.31 20.72 10.77
CA GLU B 285 2.04 21.70 9.74
C GLU B 285 0.55 21.83 9.44
N LYS B 286 -0.18 20.72 9.52
CA LYS B 286 -1.61 20.78 9.23
C LYS B 286 -2.43 21.11 10.47
N GLY B 287 -1.78 21.27 11.62
CA GLY B 287 -2.50 21.53 12.85
C GLY B 287 -3.23 20.33 13.41
N LEU B 288 -2.90 19.13 12.94
CA LEU B 288 -3.58 17.94 13.45
C LEU B 288 -3.03 17.50 14.80
N ILE B 289 -1.81 17.91 15.13
CA ILE B 289 -1.30 17.86 16.49
C ILE B 289 -0.78 19.26 16.81
N LEU B 290 -0.67 19.55 18.09
CA LEU B 290 -0.25 20.88 18.53
C LEU B 290 1.25 21.04 18.29
N GLN B 291 1.67 22.30 18.16
CA GLN B 291 3.11 22.54 18.01
C GLN B 291 3.88 22.10 19.25
N VAL B 292 3.18 21.72 20.32
CA VAL B 292 3.74 21.23 21.58
C VAL B 292 4.82 22.17 22.09
N ALA C 15 -17.13 49.60 49.28
CA ALA C 15 -17.65 48.30 48.88
C ALA C 15 -16.59 47.47 48.14
N ASN C 16 -15.73 48.15 47.38
CA ASN C 16 -14.71 47.54 46.55
C ASN C 16 -15.31 46.45 45.64
N ASP C 17 -16.31 46.86 44.87
CA ASP C 17 -16.90 45.96 43.89
C ASP C 17 -16.08 45.97 42.62
N THR C 18 -15.92 44.77 42.03
CA THR C 18 -15.17 44.59 40.81
C THR C 18 -15.96 43.70 39.86
N VAL C 19 -15.63 43.79 38.57
CA VAL C 19 -16.17 42.90 37.56
C VAL C 19 -15.00 42.39 36.73
N VAL C 20 -15.21 41.25 36.08
CA VAL C 20 -14.17 40.63 35.26
C VAL C 20 -14.56 40.77 33.80
N VAL C 21 -13.68 41.38 33.01
CA VAL C 21 -13.83 41.49 31.56
C VAL C 21 -12.86 40.51 30.92
N GLY C 22 -13.40 39.63 30.08
CA GLY C 22 -12.57 38.62 29.45
C GLY C 22 -12.37 38.84 27.97
N SER C 23 -11.36 38.18 27.40
CA SER C 23 -11.08 38.20 25.98
C SER C 23 -10.33 36.93 25.62
N ILE C 24 -10.50 36.46 24.39
CA ILE C 24 -9.59 35.44 23.87
C ILE C 24 -8.43 36.20 23.24
N ILE C 25 -7.37 35.50 22.86
CA ILE C 25 -6.06 36.13 22.73
C ILE C 25 -5.83 36.42 21.25
N PHE C 26 -6.27 37.61 20.83
CA PHE C 26 -5.97 38.14 19.50
C PHE C 26 -6.09 39.65 19.58
N THR C 27 -5.47 40.32 18.63
CA THR C 27 -5.28 41.77 18.74
C THR C 27 -6.60 42.50 18.95
N GLU C 28 -7.56 42.29 18.06
CA GLU C 28 -8.83 43.01 18.17
C GLU C 28 -9.52 42.69 19.49
N GLY C 29 -9.53 41.40 19.88
CA GLY C 29 -10.23 41.03 21.09
C GLY C 29 -9.69 41.76 22.30
N ILE C 30 -8.37 41.89 22.37
CA ILE C 30 -7.77 42.54 23.53
C ILE C 30 -8.01 44.05 23.47
N ILE C 31 -7.91 44.65 22.29
CA ILE C 31 -8.21 46.09 22.16
C ILE C 31 -9.64 46.39 22.65
N VAL C 32 -10.62 45.64 22.16
CA VAL C 32 -11.99 46.00 22.51
C VAL C 32 -12.30 45.62 23.96
N ALA C 33 -11.72 44.54 24.48
CA ALA C 33 -11.90 44.24 25.89
C ALA C 33 -11.31 45.36 26.76
N ASN C 34 -10.17 45.91 26.32
CA ASN C 34 -9.59 47.06 27.02
C ASN C 34 -10.50 48.27 26.97
N MET C 35 -11.13 48.52 25.82
CA MET C 35 -12.08 49.62 25.74
C MET C 35 -13.22 49.46 26.73
N VAL C 36 -13.76 48.24 26.83
CA VAL C 36 -14.82 47.99 27.79
C VAL C 36 -14.33 48.26 29.22
N ALA C 37 -13.12 47.79 29.53
CA ALA C 37 -12.58 48.00 30.88
C ALA C 37 -12.42 49.50 31.17
N GLU C 38 -11.86 50.24 30.21
CA GLU C 38 -11.63 51.67 30.39
C GLU C 38 -12.94 52.42 30.56
N MET C 39 -13.98 52.05 29.80
CA MET C 39 -15.28 52.71 29.95
C MET C 39 -15.88 52.46 31.32
N ILE C 40 -15.80 51.21 31.80
CA ILE C 40 -16.33 50.92 33.13
C ILE C 40 -15.60 51.73 34.19
N GLU C 41 -14.26 51.79 34.10
CA GLU C 41 -13.50 52.47 35.14
C GLU C 41 -13.66 53.99 35.06
N ALA C 42 -13.91 54.52 33.85
CA ALA C 42 -14.09 55.96 33.70
C ALA C 42 -15.46 56.41 34.18
N HIS C 43 -16.49 55.60 34.03
CA HIS C 43 -17.85 56.09 34.24
C HIS C 43 -18.56 55.45 35.42
N THR C 44 -17.91 54.55 36.16
CA THR C 44 -18.49 53.95 37.34
C THR C 44 -17.43 53.95 38.43
N ASP C 45 -17.80 53.48 39.62
CA ASP C 45 -16.85 53.29 40.71
C ASP C 45 -16.31 51.87 40.74
N LEU C 46 -16.66 51.04 39.77
CA LEU C 46 -16.18 49.67 39.72
C LEU C 46 -14.73 49.64 39.23
N LYS C 47 -13.98 48.66 39.71
CA LYS C 47 -12.66 48.35 39.18
C LYS C 47 -12.74 47.04 38.42
N VAL C 48 -11.86 46.87 37.43
CA VAL C 48 -11.99 45.80 36.45
C VAL C 48 -10.78 44.88 36.51
N VAL C 49 -11.05 43.58 36.60
CA VAL C 49 -10.06 42.54 36.33
C VAL C 49 -10.09 42.25 34.83
N ARG C 50 -8.95 42.35 34.16
CA ARG C 50 -8.83 41.99 32.76
C ARG C 50 -8.28 40.58 32.67
N LYS C 51 -9.03 39.68 32.04
CA LYS C 51 -8.66 38.27 32.00
C LYS C 51 -8.50 37.83 30.55
N LEU C 52 -7.46 37.04 30.29
CA LEU C 52 -7.27 36.44 28.98
C LEU C 52 -7.58 34.94 29.10
N ASN C 53 -8.43 34.46 28.21
CA ASN C 53 -8.83 33.06 28.18
C ASN C 53 -8.15 32.36 27.00
N LEU C 54 -7.68 31.15 27.25
CA LEU C 54 -7.00 30.37 26.23
C LEU C 54 -8.02 29.65 25.36
N GLY C 55 -7.74 29.55 24.07
CA GLY C 55 -8.62 28.80 23.18
C GLY C 55 -9.42 29.74 22.30
N GLY C 56 -10.39 29.14 21.59
CA GLY C 56 -11.22 29.90 20.68
C GLY C 56 -12.70 29.69 20.90
N TYR C 57 -13.25 28.69 20.19
CA TYR C 57 -14.70 28.50 20.15
C TYR C 57 -15.28 28.22 21.54
N ASN C 58 -16.31 28.98 21.91
CA ASN C 58 -17.13 28.80 23.11
C ASN C 58 -16.39 29.03 24.41
N VAL C 59 -15.13 29.47 24.36
CA VAL C 59 -14.35 29.64 25.59
C VAL C 59 -14.92 30.77 26.44
N ASN C 60 -15.15 31.93 25.81
CA ASN C 60 -15.67 33.08 26.55
C ASN C 60 -17.10 32.84 27.00
N PHE C 61 -17.87 32.13 26.15
CA PHE C 61 -19.24 31.76 26.48
C PHE C 61 -19.30 30.93 27.75
N GLU C 62 -18.48 29.87 27.82
CA GLU C 62 -18.46 29.06 29.03
C GLU C 62 -17.99 29.86 30.23
N ALA C 63 -16.99 30.74 30.03
CA ALA C 63 -16.50 31.55 31.13
C ALA C 63 -17.58 32.50 31.67
N ILE C 64 -18.37 33.11 30.79
CA ILE C 64 -19.40 34.03 31.27
C ILE C 64 -20.53 33.26 31.95
N LYS C 65 -20.77 32.02 31.52
CA LYS C 65 -21.73 31.20 32.23
C LYS C 65 -21.26 30.90 33.64
N ARG C 66 -19.94 30.78 33.86
CA ARG C 66 -19.44 30.64 35.22
C ARG C 66 -19.51 31.95 36.01
N GLY C 67 -19.12 33.06 35.40
CA GLY C 67 -19.15 34.35 36.07
C GLY C 67 -17.87 34.67 36.83
N GLY C 68 -17.67 35.97 37.06
CA GLY C 68 -16.46 36.45 37.71
C GLY C 68 -16.29 35.99 39.15
N ALA C 69 -17.37 35.56 39.79
CA ALA C 69 -17.27 35.04 41.15
C ALA C 69 -16.78 33.60 41.21
N ASN C 70 -16.75 32.90 40.08
CA ASN C 70 -16.41 31.47 40.03
C ASN C 70 -15.35 31.21 38.98
N ASN C 71 -14.25 31.97 39.04
CA ASN C 71 -13.10 31.81 38.13
C ASN C 71 -13.50 31.95 36.66
N GLY C 72 -14.56 32.71 36.39
CA GLY C 72 -14.96 33.03 35.04
C GLY C 72 -14.92 34.52 34.77
N ILE C 73 -15.80 35.00 33.89
CA ILE C 73 -15.85 36.40 33.52
C ILE C 73 -17.30 36.88 33.61
N ASP C 74 -17.47 38.20 33.66
CA ASP C 74 -18.78 38.81 33.73
C ASP C 74 -19.23 39.45 32.43
N ILE C 75 -18.27 39.88 31.60
CA ILE C 75 -18.50 40.69 30.42
C ILE C 75 -17.50 40.25 29.35
N TYR C 76 -17.96 40.20 28.10
CA TYR C 76 -16.98 40.18 27.01
C TYR C 76 -17.68 40.58 25.72
N VAL C 77 -16.88 40.79 24.67
CA VAL C 77 -17.41 41.21 23.38
C VAL C 77 -17.53 39.96 22.50
N GLU C 78 -18.75 39.60 22.16
CA GLU C 78 -19.03 38.44 21.31
C GLU C 78 -19.42 38.92 19.93
N TYR C 79 -19.36 38.00 18.95
CA TYR C 79 -19.76 38.29 17.59
C TYR C 79 -21.05 37.54 17.29
N THR C 80 -22.02 38.22 16.67
CA THR C 80 -23.34 37.62 16.51
C THR C 80 -23.25 36.25 15.82
N GLY C 81 -22.50 36.15 14.72
CA GLY C 81 -22.43 34.90 13.98
C GLY C 81 -21.83 33.74 14.78
N HIS C 82 -20.84 34.04 15.64
CA HIS C 82 -20.26 32.97 16.43
C HIS C 82 -21.27 32.45 17.44
N GLY C 83 -22.10 33.32 18.02
CA GLY C 83 -23.13 32.83 18.91
C GLY C 83 -24.23 32.08 18.16
N LEU C 84 -24.58 32.58 16.98
CA LEU C 84 -25.68 31.99 16.22
C LEU C 84 -25.36 30.54 15.85
N VAL C 85 -24.14 30.29 15.38
CA VAL C 85 -23.86 28.91 14.98
C VAL C 85 -23.98 27.97 16.17
N ASP C 86 -23.65 28.43 17.37
CA ASP C 86 -23.73 27.55 18.51
C ASP C 86 -25.19 27.29 18.90
N ILE C 87 -26.04 28.32 18.78
CA ILE C 87 -27.47 28.11 19.04
C ILE C 87 -28.04 27.10 18.07
N LEU C 88 -27.74 27.26 16.78
CA LEU C 88 -28.40 26.45 15.76
C LEU C 88 -27.86 25.02 15.69
N GLY C 89 -26.57 24.82 15.97
CA GLY C 89 -25.95 23.51 15.85
C GLY C 89 -25.44 23.18 14.46
N PHE C 90 -25.53 24.11 13.51
CA PHE C 90 -25.08 23.90 12.16
C PHE C 90 -24.93 25.28 11.56
N PRO C 91 -23.95 25.52 10.70
CA PRO C 91 -23.80 26.86 10.12
C PRO C 91 -25.02 27.26 9.29
N ALA C 92 -25.42 28.52 9.44
CA ALA C 92 -26.48 29.09 8.65
C ALA C 92 -26.13 30.54 8.39
N THR C 93 -26.79 31.13 7.41
CA THR C 93 -26.61 32.53 7.09
C THR C 93 -27.91 33.29 7.32
N THR C 94 -27.78 34.60 7.47
CA THR C 94 -28.90 35.50 7.74
C THR C 94 -28.37 36.90 7.60
N ASP C 95 -29.23 37.89 7.78
CA ASP C 95 -28.80 39.28 7.72
C ASP C 95 -28.42 39.74 9.12
N PRO C 96 -27.75 40.91 9.24
CA PRO C 96 -27.26 41.33 10.55
C PRO C 96 -28.34 41.40 11.62
N GLU C 97 -29.52 41.91 11.28
CA GLU C 97 -30.55 42.02 12.30
C GLU C 97 -31.07 40.65 12.70
N GLY C 98 -31.21 39.72 11.75
CA GLY C 98 -31.65 38.38 12.11
C GLY C 98 -30.68 37.71 13.07
N ALA C 99 -29.38 37.83 12.79
CA ALA C 99 -28.37 37.25 13.67
C ALA C 99 -28.45 37.88 15.05
N TYR C 100 -28.48 39.22 15.12
CA TYR C 100 -28.42 39.92 16.39
C TYR C 100 -29.66 39.63 17.24
N GLU C 101 -30.85 39.76 16.66
CA GLU C 101 -32.04 39.54 17.46
C GLU C 101 -32.12 38.10 17.92
N THR C 102 -31.70 37.15 17.08
CA THR C 102 -31.78 35.75 17.47
C THR C 102 -30.85 35.45 18.66
N VAL C 103 -29.59 35.88 18.58
CA VAL C 103 -28.71 35.59 19.72
C VAL C 103 -29.17 36.36 20.95
N LYS C 104 -29.63 37.60 20.80
CA LYS C 104 -30.04 38.38 21.96
C LYS C 104 -31.19 37.67 22.70
N LYS C 105 -32.24 37.30 21.96
CA LYS C 105 -33.39 36.66 22.59
C LYS C 105 -32.99 35.32 23.19
N GLU C 106 -32.21 34.52 22.47
CA GLU C 106 -31.90 33.20 22.99
C GLU C 106 -30.99 33.27 24.21
N TYR C 107 -29.98 34.16 24.19
CA TYR C 107 -29.07 34.23 25.33
C TYR C 107 -29.79 34.74 26.56
N LYS C 108 -30.71 35.70 26.39
CA LYS C 108 -31.50 36.15 27.54
C LYS C 108 -32.36 35.01 28.09
N ARG C 109 -33.12 34.35 27.21
CA ARG C 109 -34.07 33.33 27.67
C ARG C 109 -33.36 32.14 28.29
N LYS C 110 -32.35 31.61 27.62
CA LYS C 110 -31.71 30.37 28.06
C LYS C 110 -30.62 30.58 29.11
N TRP C 111 -29.91 31.71 29.08
CA TRP C 111 -28.73 31.87 29.93
C TRP C 111 -28.76 33.09 30.82
N ASN C 112 -29.76 33.96 30.72
CA ASN C 112 -29.77 35.21 31.46
C ASN C 112 -28.53 36.03 31.13
N ILE C 113 -28.14 36.03 29.86
CA ILE C 113 -27.04 36.83 29.35
C ILE C 113 -27.63 37.89 28.44
N VAL C 114 -27.22 39.14 28.64
CA VAL C 114 -27.79 40.30 27.94
C VAL C 114 -26.80 40.77 26.88
N TRP C 115 -27.22 40.74 25.62
CA TRP C 115 -26.48 41.35 24.52
C TRP C 115 -26.77 42.85 24.51
N LEU C 116 -25.72 43.65 24.60
CA LEU C 116 -25.85 45.10 24.48
C LEU C 116 -25.71 45.49 23.02
N LYS C 117 -25.59 46.78 22.74
CA LYS C 117 -25.67 47.24 21.36
C LYS C 117 -24.38 46.96 20.60
N PRO C 118 -24.48 46.68 19.29
CA PRO C 118 -23.27 46.43 18.49
C PRO C 118 -22.31 47.61 18.46
N LEU C 119 -21.01 47.28 18.44
CA LEU C 119 -19.97 48.31 18.36
C LEU C 119 -19.97 49.03 17.02
N GLY C 120 -20.34 48.35 15.95
CA GLY C 120 -20.45 49.00 14.66
C GLY C 120 -19.74 48.30 13.50
N PHE C 121 -18.96 47.26 13.76
CA PHE C 121 -18.21 46.60 12.69
C PHE C 121 -18.53 45.11 12.65
N ASN C 122 -18.28 44.54 11.46
CA ASN C 122 -18.51 43.13 11.16
C ASN C 122 -17.15 42.50 10.87
N ASN C 123 -16.65 41.68 11.80
CA ASN C 123 -15.33 41.08 11.59
C ASN C 123 -15.51 39.64 11.12
N THR C 124 -15.82 39.48 9.84
CA THR C 124 -16.12 38.18 9.30
C THR C 124 -14.86 37.42 8.85
N TYR C 125 -14.94 36.10 8.91
CA TYR C 125 -14.01 35.27 8.15
C TYR C 125 -14.10 35.64 6.67
N THR C 126 -12.98 35.54 5.98
CA THR C 126 -12.93 35.67 4.53
C THR C 126 -11.95 34.63 3.98
N LEU C 127 -11.96 34.48 2.65
CA LEU C 127 -10.82 33.91 1.93
C LEU C 127 -10.24 35.00 1.06
N THR C 128 -8.93 35.15 1.11
CA THR C 128 -8.26 36.32 0.56
C THR C 128 -7.01 35.86 -0.18
N VAL C 129 -6.71 36.50 -1.32
CA VAL C 129 -5.53 36.19 -2.14
C VAL C 129 -4.77 37.48 -2.45
N LYS C 130 -3.54 37.34 -2.95
CA LYS C 130 -2.85 38.55 -3.43
C LYS C 130 -3.63 39.19 -4.58
N ASP C 131 -3.67 40.53 -4.60
CA ASP C 131 -4.30 41.25 -5.72
C ASP C 131 -3.79 40.74 -7.06
N GLU C 132 -2.48 40.56 -7.16
CA GLU C 132 -1.88 40.15 -8.43
C GLU C 132 -2.35 38.76 -8.84
N LEU C 133 -2.48 37.85 -7.87
CA LEU C 133 -2.95 36.50 -8.21
C LEU C 133 -4.41 36.53 -8.64
N ALA C 134 -5.23 37.35 -7.97
CA ALA C 134 -6.62 37.49 -8.38
C ALA C 134 -6.72 38.02 -9.80
N LYS C 135 -5.85 38.96 -10.16
CA LYS C 135 -5.83 39.47 -11.53
CA LYS C 135 -5.85 39.46 -11.53
C LYS C 135 -5.40 38.40 -12.51
N GLN C 136 -4.34 37.65 -12.18
CA GLN C 136 -3.82 36.65 -13.10
C GLN C 136 -4.78 35.50 -13.33
N TYR C 137 -5.63 35.18 -12.35
CA TYR C 137 -6.58 34.07 -12.49
C TYR C 137 -8.03 34.53 -12.56
N ASN C 138 -8.26 35.84 -12.70
CA ASN C 138 -9.59 36.44 -12.75
C ASN C 138 -10.49 35.94 -11.62
N LEU C 139 -10.02 36.11 -10.39
CA LEU C 139 -10.74 35.65 -9.21
C LEU C 139 -11.57 36.78 -8.61
N LYS C 140 -12.86 36.53 -8.41
CA LYS C 140 -13.69 37.48 -7.70
C LYS C 140 -14.47 36.84 -6.55
N THR C 141 -14.82 35.55 -6.69
CA THR C 141 -15.70 34.88 -5.74
C THR C 141 -15.06 33.60 -5.21
N PHE C 142 -15.65 33.09 -4.13
CA PHE C 142 -15.23 31.78 -3.61
C PHE C 142 -15.39 30.69 -4.68
N SER C 143 -16.48 30.73 -5.45
CA SER C 143 -16.66 29.70 -6.47
C SER C 143 -15.54 29.75 -7.51
N ASP C 144 -15.16 30.96 -7.93
CA ASP C 144 -13.98 31.12 -8.79
C ASP C 144 -12.77 30.44 -8.18
N LEU C 145 -12.51 30.71 -6.90
CA LEU C 145 -11.36 30.13 -6.22
C LEU C 145 -11.45 28.61 -6.17
N ALA C 146 -12.64 28.07 -5.88
CA ALA C 146 -12.77 26.62 -5.73
C ALA C 146 -12.44 25.91 -7.04
N LYS C 147 -12.76 26.54 -8.17
CA LYS C 147 -12.43 25.93 -9.46
C LYS C 147 -10.93 25.66 -9.63
N ILE C 148 -10.05 26.46 -9.02
CA ILE C 148 -8.61 26.29 -9.19
C ILE C 148 -7.91 25.93 -7.88
N SER C 149 -8.68 25.66 -6.82
CA SER C 149 -8.05 25.46 -5.51
C SER C 149 -7.09 24.28 -5.47
N ASP C 150 -7.25 23.28 -6.35
CA ASP C 150 -6.35 22.15 -6.27
C ASP C 150 -4.91 22.51 -6.63
N LYS C 151 -4.68 23.67 -7.23
CA LYS C 151 -3.36 24.16 -7.55
C LYS C 151 -2.79 25.09 -6.47
N LEU C 152 -3.57 25.41 -5.45
CA LEU C 152 -3.21 26.47 -4.50
C LEU C 152 -3.05 25.90 -3.09
N ILE C 153 -2.30 26.63 -2.28
CA ILE C 153 -2.08 26.30 -0.88
C ILE C 153 -2.84 27.31 -0.01
N LEU C 154 -3.60 26.80 0.95
CA LEU C 154 -4.31 27.62 1.93
C LEU C 154 -3.52 27.66 3.23
N GLY C 155 -3.31 28.85 3.77
CA GLY C 155 -2.78 28.99 5.12
C GLY C 155 -3.85 29.59 6.00
N ALA C 156 -4.22 28.95 7.11
CA ALA C 156 -5.41 29.40 7.84
C ALA C 156 -5.19 29.27 9.34
N THR C 157 -5.90 30.10 10.09
CA THR C 157 -5.78 30.04 11.55
C THR C 157 -6.40 28.77 12.11
N MET C 158 -5.89 28.38 13.28
CA MET C 158 -6.50 27.28 14.04
C MET C 158 -7.99 27.52 14.28
N TRP C 159 -8.37 28.74 14.67
CA TRP C 159 -9.78 29.00 14.94
C TRP C 159 -10.65 28.73 13.71
N PHE C 160 -10.20 29.17 12.54
CA PHE C 160 -10.94 28.94 11.31
C PHE C 160 -11.02 27.47 10.95
N LEU C 161 -9.90 26.76 11.07
CA LEU C 161 -9.87 25.36 10.67
C LEU C 161 -10.70 24.49 11.62
N GLU C 162 -10.83 24.90 12.88
CA GLU C 162 -11.52 24.06 13.86
C GLU C 162 -12.95 24.48 14.17
N GLY C 163 -13.33 25.70 13.82
CA GLY C 163 -14.65 26.21 14.19
C GLY C 163 -15.77 25.59 13.39
N PRO C 164 -16.90 25.31 14.05
CA PRO C 164 -18.04 24.74 13.32
C PRO C 164 -18.60 25.67 12.27
N ASP C 165 -18.40 26.98 12.42
CA ASP C 165 -18.78 27.96 11.41
C ASP C 165 -17.63 28.33 10.49
N GLY C 166 -16.48 27.66 10.63
CA GLY C 166 -15.33 27.99 9.82
C GLY C 166 -15.13 27.08 8.62
N TYR C 167 -13.91 26.61 8.44
CA TYR C 167 -13.57 25.86 7.24
C TYR C 167 -14.34 24.56 7.04
N PRO C 168 -14.60 23.72 8.06
CA PRO C 168 -15.27 22.43 7.74
C PRO C 168 -16.51 22.56 6.86
N GLY C 169 -17.46 23.42 7.26
CA GLY C 169 -18.67 23.58 6.48
C GLY C 169 -18.46 24.35 5.19
N LEU C 170 -17.52 25.30 5.19
CA LEU C 170 -17.23 26.05 3.96
C LEU C 170 -16.68 25.12 2.89
N GLN C 171 -15.73 24.28 3.29
CA GLN C 171 -15.13 23.32 2.37
C GLN C 171 -16.19 22.36 1.85
N LYS C 172 -17.09 21.90 2.71
CA LYS C 172 -18.17 21.04 2.22
C LYS C 172 -19.06 21.75 1.21
N LEU C 173 -19.44 23.00 1.49
CA LEU C 173 -20.40 23.68 0.64
C LEU C 173 -19.84 23.97 -0.75
N TYR C 174 -18.59 24.45 -0.82
CA TYR C 174 -17.99 24.83 -2.08
C TYR C 174 -17.15 23.70 -2.70
N ASN C 175 -16.99 22.59 -2.00
CA ASN C 175 -16.09 21.51 -2.42
C ASN C 175 -14.68 22.04 -2.67
N PHE C 176 -14.15 22.75 -1.66
CA PHE C 176 -12.77 23.21 -1.73
C PHE C 176 -11.82 22.03 -1.61
N LYS C 177 -10.79 21.99 -2.48
CA LYS C 177 -9.75 20.96 -2.48
C LYS C 177 -8.38 21.60 -2.70
N PHE C 178 -7.79 22.17 -1.65
CA PHE C 178 -6.48 22.80 -1.76
C PHE C 178 -5.35 21.78 -1.85
N LYS C 179 -4.29 22.16 -2.56
CA LYS C 179 -3.13 21.28 -2.71
C LYS C 179 -2.56 20.91 -1.35
N HIS C 180 -2.39 21.91 -0.48
CA HIS C 180 -2.01 21.71 0.91
C HIS C 180 -2.81 22.70 1.74
N THR C 181 -3.04 22.35 3.00
CA THR C 181 -3.71 23.24 3.94
C THR C 181 -2.85 23.30 5.19
N LYS C 182 -2.36 24.50 5.51
CA LYS C 182 -1.43 24.70 6.61
C LYS C 182 -2.12 25.49 7.72
N SER C 183 -1.99 25.02 8.96
CA SER C 183 -2.47 25.76 10.12
C SER C 183 -1.37 26.73 10.56
N MET C 184 -1.72 28.02 10.68
CA MET C 184 -0.71 29.04 10.93
C MET C 184 -1.18 30.04 11.99
N ASP C 185 -0.21 30.58 12.75
CA ASP C 185 -0.46 31.67 13.69
C ASP C 185 -0.96 32.90 12.92
N MET C 186 -1.55 33.84 13.66
CA MET C 186 -2.28 34.92 13.03
CA MET C 186 -2.29 34.94 13.04
C MET C 186 -1.38 35.82 12.19
N GLY C 187 -0.27 36.31 12.76
CA GLY C 187 0.61 37.19 11.98
C GLY C 187 1.36 36.44 10.89
N ILE C 188 1.74 35.20 11.21
CA ILE C 188 2.56 34.39 10.31
C ILE C 188 1.84 34.13 9.00
N ARG C 189 0.50 34.06 9.01
CA ARG C 189 -0.16 33.75 7.76
C ARG C 189 -0.09 34.91 6.77
N TYR C 190 0.00 36.15 7.27
CA TYR C 190 0.21 37.29 6.39
C TYR C 190 1.61 37.28 5.81
N THR C 191 2.60 36.96 6.65
CA THR C 191 3.95 36.82 6.10
C THR C 191 4.01 35.72 5.05
N ALA C 192 3.34 34.59 5.30
CA ALA C 192 3.37 33.46 4.39
C ALA C 192 2.74 33.79 3.05
N ILE C 193 1.60 34.49 3.06
CA ILE C 193 1.01 34.82 1.75
C ILE C 193 1.84 35.90 1.05
N ASP C 194 2.47 36.80 1.80
CA ASP C 194 3.32 37.81 1.16
C ASP C 194 4.51 37.15 0.47
N ASN C 195 5.09 36.12 1.09
CA ASN C 195 6.23 35.40 0.52
C ASN C 195 5.81 34.32 -0.47
N ASN C 196 4.50 34.17 -0.72
CA ASN C 196 3.96 33.12 -1.60
C ASN C 196 4.28 31.72 -1.10
N GLU C 197 4.49 31.56 0.21
CA GLU C 197 4.51 30.21 0.77
C GLU C 197 3.13 29.58 0.72
N VAL C 198 2.08 30.40 0.82
CA VAL C 198 0.71 30.01 0.55
C VAL C 198 0.14 31.04 -0.42
N GLN C 199 -1.00 30.70 -1.03
CA GLN C 199 -1.64 31.60 -1.97
C GLN C 199 -3.00 32.11 -1.50
N VAL C 200 -3.55 31.53 -0.43
CA VAL C 200 -4.84 31.92 0.12
C VAL C 200 -4.72 31.94 1.63
N ILE C 201 -5.33 32.94 2.28
CA ILE C 201 -5.42 32.93 3.75
C ILE C 201 -6.85 33.27 4.16
N ASP C 202 -7.16 32.91 5.42
CA ASP C 202 -8.43 33.28 6.03
C ASP C 202 -8.28 34.65 6.70
N ALA C 203 -8.10 35.67 5.87
CA ALA C 203 -8.06 37.03 6.42
C ALA C 203 -9.35 37.31 7.16
N TRP C 204 -9.23 38.02 8.28
CA TRP C 204 -10.40 38.49 9.00
C TRP C 204 -10.60 39.95 8.63
N ALA C 205 -11.86 40.36 8.45
CA ALA C 205 -12.16 41.61 7.77
C ALA C 205 -11.52 42.84 8.42
N THR C 206 -11.34 42.84 9.75
CA THR C 206 -10.73 43.99 10.42
C THR C 206 -9.22 43.84 10.63
N ASP C 207 -8.60 42.77 10.14
CA ASP C 207 -7.18 42.52 10.45
C ASP C 207 -6.33 43.74 10.13
N GLY C 208 -5.48 44.10 11.08
CA GLY C 208 -4.61 45.26 10.89
C GLY C 208 -3.68 45.12 9.72
N LEU C 209 -3.19 43.90 9.46
CA LEU C 209 -2.20 43.70 8.41
C LEU C 209 -2.80 43.75 7.02
N LEU C 210 -4.12 43.73 6.88
CA LEU C 210 -4.71 43.97 5.56
C LEU C 210 -4.33 45.35 5.03
N VAL C 211 -4.02 46.29 5.93
CA VAL C 211 -3.61 47.63 5.54
C VAL C 211 -2.35 47.60 4.68
N SER C 212 -1.43 46.69 5.00
CA SER C 212 -0.11 46.70 4.39
C SER C 212 0.12 45.65 3.30
N HIS C 213 -0.82 44.72 3.04
CA HIS C 213 -0.45 43.55 2.24
C HIS C 213 -1.11 43.44 0.87
N LYS C 214 -1.86 44.45 0.42
CA LYS C 214 -2.38 44.45 -0.95
C LYS C 214 -3.02 43.12 -1.31
N LEU C 215 -4.03 42.75 -0.55
CA LEU C 215 -4.75 41.51 -0.79
C LEU C 215 -6.15 41.83 -1.29
N LYS C 216 -6.73 40.88 -2.01
CA LYS C 216 -8.11 40.96 -2.47
C LYS C 216 -8.96 39.99 -1.67
N ILE C 217 -10.00 40.53 -1.04
CA ILE C 217 -10.98 39.73 -0.33
C ILE C 217 -11.99 39.22 -1.35
N LEU C 218 -12.16 37.91 -1.42
CA LEU C 218 -13.08 37.34 -2.39
C LEU C 218 -14.50 37.32 -1.83
N GLU C 219 -15.48 37.28 -2.74
CA GLU C 219 -16.88 37.32 -2.35
C GLU C 219 -17.39 35.93 -1.99
N ASP C 220 -18.06 35.85 -0.85
CA ASP C 220 -18.75 34.64 -0.39
C ASP C 220 -20.07 34.53 -1.16
N ASP C 221 -19.97 34.06 -2.40
CA ASP C 221 -21.09 34.17 -3.33
C ASP C 221 -22.27 33.29 -2.95
N LYS C 222 -22.03 32.18 -2.26
CA LYS C 222 -23.13 31.32 -1.81
C LYS C 222 -23.64 31.72 -0.43
N ALA C 223 -23.06 32.76 0.17
CA ALA C 223 -23.45 33.29 1.47
C ALA C 223 -23.34 32.22 2.56
N PHE C 224 -22.18 31.57 2.64
CA PHE C 224 -22.00 30.59 3.71
C PHE C 224 -21.89 31.26 5.07
N PHE C 225 -21.12 32.34 5.18
CA PHE C 225 -20.85 32.86 6.51
C PHE C 225 -21.99 33.74 6.99
N PRO C 226 -22.30 33.72 8.28
CA PRO C 226 -23.26 34.68 8.84
C PRO C 226 -22.60 36.01 9.10
N PRO C 227 -23.35 37.04 9.52
CA PRO C 227 -22.73 38.29 9.98
C PRO C 227 -21.97 38.03 11.27
N TYR C 228 -20.91 38.81 11.49
CA TYR C 228 -20.07 38.69 12.70
C TYR C 228 -19.93 40.06 13.37
N TYR C 229 -21.06 40.60 13.82
CA TYR C 229 -21.07 41.92 14.42
C TYR C 229 -20.71 41.83 15.90
N ALA C 230 -19.72 42.61 16.30
CA ALA C 230 -19.24 42.60 17.67
C ALA C 230 -20.19 43.39 18.56
N ALA C 231 -20.44 42.86 19.76
CA ALA C 231 -21.23 43.55 20.77
C ALA C 231 -20.83 43.10 22.17
N PRO C 232 -20.77 44.01 23.14
CA PRO C 232 -20.57 43.59 24.52
C PRO C 232 -21.77 42.79 25.01
N ILE C 233 -21.51 41.75 25.78
CA ILE C 233 -22.55 40.97 26.44
C ILE C 233 -22.15 40.81 27.90
N ILE C 234 -23.17 40.67 28.75
CA ILE C 234 -23.00 40.79 30.20
C ILE C 234 -24.00 39.91 30.91
N ARG C 235 -23.60 39.34 32.06
CA ARG C 235 -24.51 38.55 32.88
C ARG C 235 -25.62 39.44 33.45
N GLN C 236 -26.85 38.92 33.44
CA GLN C 236 -27.96 39.68 34.00
C GLN C 236 -27.75 39.98 35.49
N ASP C 237 -27.15 39.04 36.24
CA ASP C 237 -27.01 39.29 37.67
C ASP C 237 -25.99 40.40 37.95
N VAL C 238 -25.01 40.57 37.06
CA VAL C 238 -24.08 41.68 37.20
C VAL C 238 -24.78 42.99 36.91
N LEU C 239 -25.65 42.99 35.89
CA LEU C 239 -26.47 44.16 35.58
C LEU C 239 -27.41 44.48 36.73
N ASP C 240 -27.93 43.45 37.40
CA ASP C 240 -28.79 43.68 38.55
C ASP C 240 -28.01 44.37 39.66
N LYS C 241 -26.78 43.91 39.91
CA LYS C 241 -25.97 44.52 40.95
C LYS C 241 -25.50 45.92 40.55
N HIS C 242 -25.17 46.13 39.26
CA HIS C 242 -24.62 47.40 38.79
C HIS C 242 -25.36 47.86 37.54
N PRO C 243 -26.61 48.32 37.68
CA PRO C 243 -27.41 48.64 36.48
C PRO C 243 -26.83 49.74 35.61
N GLU C 244 -26.01 50.63 36.19
CA GLU C 244 -25.42 51.71 35.39
C GLU C 244 -24.61 51.15 34.21
N LEU C 245 -24.13 49.91 34.35
CA LEU C 245 -23.27 49.32 33.32
C LEU C 245 -23.96 49.32 31.96
N LYS C 246 -25.28 49.10 31.93
CA LYS C 246 -25.94 49.05 30.63
C LYS C 246 -25.67 50.34 29.86
N ASP C 247 -26.03 51.47 30.45
CA ASP C 247 -25.90 52.70 29.69
C ASP C 247 -24.43 52.98 29.40
N VAL C 248 -23.54 52.65 30.35
CA VAL C 248 -22.13 52.96 30.14
C VAL C 248 -21.62 52.19 28.94
N LEU C 249 -21.95 50.90 28.87
CA LEU C 249 -21.41 50.12 27.77
C LEU C 249 -22.10 50.48 26.46
N ASN C 250 -23.35 50.94 26.54
CA ASN C 250 -23.98 51.33 25.29
C ASN C 250 -23.49 52.68 24.80
N LYS C 251 -22.64 53.36 25.57
CA LYS C 251 -21.96 54.50 24.98
C LYS C 251 -21.05 54.10 23.84
N LEU C 252 -20.70 52.82 23.73
CA LEU C 252 -19.87 52.36 22.61
C LEU C 252 -20.67 52.04 21.35
N ALA C 253 -21.99 52.15 21.41
CA ALA C 253 -22.83 51.69 20.30
C ALA C 253 -22.55 52.45 19.02
N ASN C 254 -22.23 51.69 17.96
CA ASN C 254 -21.95 52.23 16.63
CA ASN C 254 -21.96 52.24 16.63
C ASN C 254 -20.79 53.23 16.64
N GLN C 255 -19.88 53.09 17.59
CA GLN C 255 -18.76 54.02 17.67
C GLN C 255 -17.51 53.53 16.95
N ILE C 256 -17.49 52.30 16.45
CA ILE C 256 -16.31 51.75 15.81
C ILE C 256 -16.71 51.18 14.46
N SER C 257 -16.32 51.87 13.39
CA SER C 257 -16.50 51.33 12.05
C SER C 257 -15.44 50.26 11.74
N LEU C 258 -15.65 49.54 10.64
CA LEU C 258 -14.63 48.60 10.19
C LEU C 258 -13.30 49.29 9.94
N GLU C 259 -13.34 50.48 9.32
CA GLU C 259 -12.09 51.19 9.03
C GLU C 259 -11.40 51.63 10.30
N GLU C 260 -12.18 52.09 11.29
CA GLU C 260 -11.60 52.48 12.57
C GLU C 260 -10.98 51.28 13.29
N MET C 261 -11.71 50.16 13.34
CA MET C 261 -11.18 48.97 14.00
C MET C 261 -9.90 48.50 13.33
N GLN C 262 -9.89 48.50 11.99
CA GLN C 262 -8.73 48.08 11.26
C GLN C 262 -7.54 48.99 11.54
N LYS C 263 -7.77 50.30 11.67
CA LYS C 263 -6.67 51.20 12.01
C LYS C 263 -6.12 50.90 13.40
N LEU C 264 -6.98 50.62 14.37
CA LEU C 264 -6.49 50.27 15.71
C LEU C 264 -5.69 48.97 15.67
N ASN C 265 -6.24 47.96 14.99
CA ASN C 265 -5.53 46.68 14.90
C ASN C 265 -4.17 46.89 14.26
N TYR C 266 -4.08 47.78 13.26
CA TYR C 266 -2.80 48.04 12.62
C TYR C 266 -1.83 48.74 13.56
N LYS C 267 -2.31 49.68 14.39
CA LYS C 267 -1.44 50.33 15.36
C LYS C 267 -0.75 49.28 16.23
N VAL C 268 -1.46 48.20 16.56
CA VAL C 268 -0.81 47.14 17.34
C VAL C 268 0.05 46.24 16.45
N ASP C 269 -0.55 45.61 15.43
CA ASP C 269 0.15 44.56 14.68
C ASP C 269 1.19 45.13 13.73
N GLY C 270 0.95 46.32 13.18
CA GLY C 270 1.89 46.93 12.26
C GLY C 270 2.87 47.89 12.92
N GLU C 271 2.39 48.74 13.81
CA GLU C 271 3.24 49.76 14.41
C GLU C 271 3.84 49.35 15.75
N GLY C 272 3.39 48.24 16.33
CA GLY C 272 3.98 47.77 17.58
C GLY C 272 3.55 48.48 18.84
N GLN C 273 2.45 49.23 18.80
CA GLN C 273 1.92 49.83 20.01
C GLN C 273 1.22 48.77 20.86
N ASP C 274 1.19 48.99 22.18
CA ASP C 274 0.52 48.02 23.02
C ASP C 274 -1.00 48.24 22.98
N PRO C 275 -1.80 47.18 23.11
CA PRO C 275 -3.26 47.33 22.95
C PRO C 275 -3.92 48.18 24.02
N ALA C 276 -3.38 48.24 25.25
CA ALA C 276 -3.98 49.09 26.27
C ALA C 276 -3.91 50.57 25.86
N LYS C 277 -2.73 50.99 25.40
CA LYS C 277 -2.56 52.37 24.94
C LYS C 277 -3.46 52.68 23.76
N VAL C 278 -3.54 51.76 22.81
CA VAL C 278 -4.33 51.99 21.60
C VAL C 278 -5.80 52.16 21.96
N ALA C 279 -6.31 51.28 22.83
CA ALA C 279 -7.71 51.38 23.25
C ALA C 279 -7.98 52.70 23.95
N LYS C 280 -7.13 53.05 24.93
CA LYS C 280 -7.40 54.25 25.71
C LYS C 280 -7.31 55.50 24.85
N GLU C 281 -6.31 55.57 23.98
CA GLU C 281 -6.15 56.74 23.13
C GLU C 281 -7.31 56.89 22.15
N PHE C 282 -7.82 55.77 21.62
CA PHE C 282 -9.02 55.85 20.79
C PHE C 282 -10.20 56.41 21.57
N LEU C 283 -10.42 55.93 22.80
CA LEU C 283 -11.55 56.42 23.58
C LEU C 283 -11.41 57.91 23.87
N LYS C 284 -10.18 58.36 24.16
CA LYS C 284 -9.97 59.78 24.41
C LYS C 284 -10.21 60.60 23.15
N GLU C 285 -9.70 60.13 22.02
CA GLU C 285 -9.85 60.87 20.76
C GLU C 285 -11.31 61.03 20.37
N LYS C 286 -12.14 60.03 20.67
CA LYS C 286 -13.57 60.09 20.38
C LYS C 286 -14.38 60.77 21.46
N GLY C 287 -13.75 61.21 22.55
CA GLY C 287 -14.51 61.85 23.62
C GLY C 287 -15.33 60.91 24.46
N LEU C 288 -15.08 59.61 24.36
CA LEU C 288 -15.83 58.63 25.15
C LEU C 288 -15.34 58.55 26.58
N ILE C 289 -14.09 58.92 26.84
CA ILE C 289 -13.59 59.16 28.18
C ILE C 289 -12.87 60.51 28.17
N LEU C 290 -12.66 61.05 29.36
CA LEU C 290 -12.07 62.37 29.46
C LEU C 290 -10.58 62.36 29.09
N GLN C 291 -10.13 63.47 28.51
CA GLN C 291 -8.72 63.72 28.24
C GLN C 291 -7.99 63.95 29.57
N VAL C 292 -7.20 62.97 30.00
CA VAL C 292 -6.37 63.04 31.21
C VAL C 292 -7.13 63.60 32.40
C01 QMR D . 14.61 -42.47 -19.73
N02 QMR D . 13.30 -41.94 -19.04
C03 QMR D . 13.70 -40.83 -18.00
C04 QMR D . 15.02 -41.20 -17.25
C05 QMR D . 15.96 -41.46 -18.02
C06 QMR D . 15.78 -42.50 -18.68
C07 QMR D . 15.24 -43.67 -17.55
C08 QMR D . 15.17 -44.98 -17.37
C09 QMR D . 14.57 -45.48 -16.17
N10 QMR D . 14.50 -46.79 -15.98
C11 QMR D . 13.95 -47.25 -14.86
C12 QMR D . 13.43 -46.36 -13.88
N13 QMR D . 13.48 -45.04 -14.07
C14 QMR D . 14.03 -44.57 -15.16
C15 QMR D . 14.10 -43.13 -15.34
C16 QMR D . 14.65 -42.68 -16.45
C3' NHE E . 25.34 -38.48 -11.55
C2' NHE E . 26.34 -39.50 -12.08
C1' NHE E . 27.49 -38.80 -12.81
C6' NHE E . 28.13 -37.70 -11.94
N NHE E . 28.53 -39.79 -13.10
C1 NHE E . 28.28 -40.46 -14.36
C2 NHE E . 29.47 -41.38 -14.64
S NHE E . 28.93 -42.57 -15.91
O1 NHE E . 30.13 -43.39 -16.37
O2 NHE E . 27.86 -43.50 -15.37
O3 NHE E . 28.25 -41.79 -17.00
C5' NHE E . 27.11 -36.71 -11.43
C4' NHE E . 26.02 -37.44 -10.65
C01 QMR F . 0.37 -1.49 -3.03
N02 QMR F . -0.94 -1.22 -2.20
C03 QMR F . -0.65 -0.34 -0.94
C04 QMR F . 0.77 -0.67 -0.38
C05 QMR F . 1.67 -0.65 -1.24
C06 QMR F . 1.59 -1.60 -2.06
C07 QMR F . 1.24 -3.00 -1.14
C08 QMR F . 1.31 -4.33 -1.20
C09 QMR F . 0.83 -5.10 -0.06
N10 QMR F . 0.90 -6.42 -0.09
C11 QMR F . 0.44 -7.14 0.94
C12 QMR F . -0.12 -6.49 2.06
N13 QMR F . -0.20 -5.14 2.10
C14 QMR F . 0.25 -4.44 1.08
C15 QMR F . 0.16 -3.00 1.15
C16 QMR F . 0.61 -2.30 0.14
C3' NHE G . -20.51 -11.19 0.23
C2' NHE G . -20.51 -10.28 1.45
C1' NHE G . -20.13 -11.09 2.68
C6' NHE G . -18.73 -11.70 2.55
N NHE G . -20.08 -10.21 3.86
C1 NHE G . -21.42 -9.92 4.37
C2 NHE G . -21.24 -8.91 5.50
S NHE G . -22.86 -8.32 6.06
O1 NHE G . -23.83 -9.47 6.11
O2 NHE G . -23.41 -7.42 5.00
O3 NHE G . -22.72 -7.61 7.39
C5' NHE G . -18.56 -12.54 1.29
C4' NHE G . -19.19 -11.94 0.03
C1 PEG H . 1.77 18.68 -5.99
O1 PEG H . 2.59 17.55 -6.15
C2 PEG H . 0.42 18.44 -6.65
O2 PEG H . -0.56 18.22 -5.67
C3 PEG H . -1.86 18.53 -6.11
C4 PEG H . -2.92 17.93 -5.19
O4 PEG H . -4.17 18.48 -5.54
C01 QMR I . -13.34 35.98 12.94
N02 QMR I . -14.64 36.52 13.64
C03 QMR I . -14.30 37.59 14.74
C04 QMR I . -12.93 37.25 15.44
C05 QMR I . -12.03 36.99 14.63
C06 QMR I . -12.19 35.92 14.00
C07 QMR I . -12.74 34.78 15.16
C08 QMR I . -12.82 33.47 15.37
C09 QMR I . -13.40 32.98 16.60
N10 QMR I . -13.47 31.68 16.80
C11 QMR I . -14.01 31.22 17.93
C12 QMR I . -14.53 32.13 18.92
N13 QMR I . -14.45 33.44 18.70
C14 QMR I . -13.91 33.91 17.59
C15 QMR I . -13.83 35.34 17.37
C16 QMR I . -13.29 35.78 16.25
C3' NHE J . -0.66 41.67 21.53
C2' NHE J . -0.15 41.12 20.20
C1' NHE J . -0.18 39.60 20.32
C6' NHE J . -1.61 39.09 20.31
N NHE J . 0.73 38.94 19.36
C1 NHE J . 0.15 37.94 18.49
C2 NHE J . 1.37 37.30 17.80
S NHE J . 0.91 35.88 16.76
O1 NHE J . 2.15 35.17 16.25
O2 NHE J . 0.00 34.89 17.47
O3 NHE J . 0.26 36.45 15.52
C5' NHE J . -2.28 39.62 21.59
C4' NHE J . -2.03 41.10 21.90
#